data_6BSW
#
_entry.id   6BSW
#
_cell.length_a   65.037
_cell.length_b   94.889
_cell.length_c   145.104
_cell.angle_alpha   90.000
_cell.angle_beta   90.000
_cell.angle_gamma   90.000
#
_symmetry.space_group_name_H-M   'P 21 21 21'
#
loop_
_entity.id
_entity.type
_entity.pdbx_description
1 polymer 'Xyloglucan 6-xylosyltransferase 1'
2 branched beta-D-glucopyranose-(1-4)-beta-D-glucopyranose-(1-4)-beta-D-glucopyranose-(1-4)-beta-D-glucopyranose-(1-4)-beta-D-glucopyranose-(1-4)-beta-D-glucopyranose
3 non-polymer 'MANGANESE (II) ION'
4 non-polymer "URIDINE-5'-DIPHOSPHATE"
5 non-polymer GLYCEROL
6 non-polymer 2-AMINO-2-HYDROXYMETHYL-PROPANE-1,3-DIOL
7 non-polymer 'NITRATE ION'
8 water water
#
_entity_poly.entity_id   1
_entity_poly.type   'polypeptide(L)'
_entity_poly.pdbx_seq_one_letter_code
;PYSLGPKISDWDEQRRDWLKQNPSFPNFVAPNKPRVLLVTGSAPKPCENPVGDHYLLKSIKNKIDYCRIHGIEIFYNMAL
LDAEMAGFWAKLPLIRKLLLSHPEIEFLWWMDSDAMFTDMVFELPWERYKDYNLVMHGWNEMVYDQKNWIGLNTGSFLLR
NSQWSLDLLDAWAPMGPKGKIREEAGKVLTRELKDRPAFEADDQSAMVYLLATEREKWGGKVYLESGYYLHGYWGILVDR
YEEMIENHKPGFGDHRWPLVTHFVGCKPCGKFGDYPVERCLRQMDRAFNFGDNQILQMYGFTHKSLGSRRVKPTRNQTDR
PLDAKDEFGLLHPPFKAA
;
_entity_poly.pdbx_strand_id   A,B
#
loop_
_chem_comp.id
_chem_comp.type
_chem_comp.name
_chem_comp.formula
BGC D-saccharide, beta linking beta-D-glucopyranose 'C6 H12 O6'
GOL non-polymer GLYCEROL 'C3 H8 O3'
MN non-polymer 'MANGANESE (II) ION' 'Mn 2'
NO3 non-polymer 'NITRATE ION' 'N O3 -1'
TRS non-polymer 2-AMINO-2-HYDROXYMETHYL-PROPANE-1,3-DIOL 'C4 H12 N O3 1'
UDP RNA linking URIDINE-5'-DIPHOSPHATE 'C9 H14 N2 O12 P2'
#
# COMPACT_ATOMS: atom_id res chain seq x y z
N PRO A 1 25.44 17.53 -21.34
CA PRO A 1 24.04 17.93 -21.19
C PRO A 1 23.17 16.80 -20.65
N TYR A 2 22.23 17.14 -19.77
CA TYR A 2 21.40 16.12 -19.14
C TYR A 2 20.29 15.65 -20.07
N SER A 3 19.94 14.37 -19.97
CA SER A 3 18.87 13.79 -20.75
C SER A 3 18.17 12.73 -19.91
N LEU A 4 16.84 12.70 -19.99
CA LEU A 4 16.06 11.67 -19.32
C LEU A 4 16.18 10.31 -20.00
N GLY A 5 16.72 10.25 -21.21
CA GLY A 5 16.88 9.00 -21.92
C GLY A 5 16.94 9.21 -23.42
N PRO A 6 17.29 8.14 -24.15
CA PRO A 6 17.35 8.25 -25.62
C PRO A 6 16.04 8.74 -26.21
N LYS A 7 16.15 9.61 -27.20
CA LYS A 7 14.97 10.27 -27.77
C LYS A 7 14.04 9.24 -28.40
N ILE A 8 12.77 9.29 -28.00
CA ILE A 8 11.70 8.48 -28.59
C ILE A 8 10.73 9.44 -29.28
N SER A 9 10.40 9.15 -30.53
CA SER A 9 9.57 10.03 -31.33
C SER A 9 8.29 9.39 -31.85
N ASP A 10 8.11 8.08 -31.66
CA ASP A 10 6.96 7.36 -32.20
C ASP A 10 6.24 6.59 -31.11
N TRP A 11 6.17 7.16 -29.91
CA TRP A 11 5.59 6.43 -28.78
C TRP A 11 4.10 6.19 -28.98
N ASP A 12 3.37 7.20 -29.47
CA ASP A 12 1.94 7.02 -29.70
C ASP A 12 1.69 5.84 -30.63
N GLU A 13 2.56 5.62 -31.61
CA GLU A 13 2.39 4.49 -32.51
C GLU A 13 2.80 3.18 -31.84
N GLN A 14 3.92 3.18 -31.12
CA GLN A 14 4.33 1.98 -30.39
C GLN A 14 3.26 1.52 -29.41
N ARG A 15 2.67 2.47 -28.67
CA ARG A 15 1.65 2.12 -27.69
C ARG A 15 0.44 1.49 -28.37
N ARG A 16 -0.03 2.09 -29.47
CA ARG A 16 -1.21 1.57 -30.15
C ARG A 16 -0.99 0.13 -30.60
N ASP A 17 0.15 -0.12 -31.26
CA ASP A 17 0.46 -1.48 -31.70
C ASP A 17 0.50 -2.44 -30.53
N TRP A 18 1.09 -2.02 -29.41
CA TRP A 18 1.17 -2.88 -28.23
C TRP A 18 -0.22 -3.20 -27.70
N LEU A 19 -1.07 -2.18 -27.57
CA LEU A 19 -2.41 -2.40 -27.06
C LEU A 19 -3.20 -3.37 -27.94
N LYS A 20 -3.05 -3.22 -29.26
CA LYS A 20 -3.74 -4.13 -30.18
C LYS A 20 -3.25 -5.57 -30.01
N GLN A 21 -1.96 -5.73 -29.73
CA GLN A 21 -1.37 -7.06 -29.56
C GLN A 21 -1.58 -7.63 -28.16
N ASN A 22 -2.08 -6.83 -27.21
CA ASN A 22 -2.26 -7.25 -25.83
C ASN A 22 -3.64 -6.81 -25.34
N PRO A 23 -4.71 -7.36 -25.92
CA PRO A 23 -6.05 -6.95 -25.51
C PRO A 23 -6.36 -7.25 -24.05
N SER A 24 -5.68 -8.22 -23.44
CA SER A 24 -5.90 -8.53 -22.04
C SER A 24 -5.42 -7.43 -21.11
N PHE A 25 -4.70 -6.43 -21.62
CA PHE A 25 -4.22 -5.30 -20.83
C PHE A 25 -4.70 -4.02 -21.50
N PRO A 26 -6.00 -3.73 -21.45
CA PRO A 26 -6.52 -2.52 -22.08
C PRO A 26 -6.17 -1.27 -21.29
N ASN A 27 -6.15 -0.14 -21.99
CA ASN A 27 -5.91 1.15 -21.34
C ASN A 27 -7.18 1.76 -20.76
N PHE A 28 -8.34 1.14 -21.01
CA PHE A 28 -9.59 1.54 -20.37
C PHE A 28 -10.21 0.29 -19.74
N VAL A 29 -10.23 0.25 -18.41
CA VAL A 29 -10.79 -0.90 -17.70
C VAL A 29 -12.32 -0.91 -17.74
N ALA A 30 -12.94 0.12 -18.30
CA ALA A 30 -14.39 0.21 -18.43
C ALA A 30 -14.71 1.47 -19.22
N PRO A 31 -15.94 1.59 -19.74
CA PRO A 31 -16.29 2.79 -20.51
C PRO A 31 -16.02 4.07 -19.74
N ASN A 32 -15.15 4.92 -20.29
CA ASN A 32 -14.77 6.21 -19.73
C ASN A 32 -13.95 6.08 -18.44
N LYS A 33 -13.58 4.88 -18.03
CA LYS A 33 -12.73 4.67 -16.87
C LYS A 33 -11.33 4.30 -17.34
N PRO A 34 -10.43 5.27 -17.47
CA PRO A 34 -9.06 4.94 -17.89
C PRO A 34 -8.32 4.17 -16.81
N ARG A 35 -7.38 3.33 -17.24
CA ARG A 35 -6.50 2.66 -16.31
C ARG A 35 -5.53 3.67 -15.69
N VAL A 36 -5.47 3.69 -14.37
CA VAL A 36 -4.70 4.69 -13.64
C VAL A 36 -3.70 3.98 -12.73
N LEU A 37 -2.46 4.46 -12.72
CA LEU A 37 -1.45 4.05 -11.76
C LEU A 37 -1.12 5.26 -10.90
N LEU A 38 -1.46 5.19 -9.62
CA LEU A 38 -1.08 6.23 -8.68
C LEU A 38 0.35 5.99 -8.22
N VAL A 39 1.18 7.02 -8.29
CA VAL A 39 2.60 6.91 -8.01
C VAL A 39 2.97 7.90 -6.91
N THR A 40 3.62 7.39 -5.87
CA THR A 40 4.16 8.22 -4.80
C THR A 40 5.55 7.68 -4.46
N GLY A 41 6.20 8.30 -3.48
CA GLY A 41 7.52 7.85 -3.10
C GLY A 41 8.10 8.71 -2.00
N SER A 42 9.23 8.23 -1.47
CA SER A 42 9.96 8.93 -0.42
C SER A 42 11.40 8.44 -0.43
N ALA A 43 12.26 9.18 0.27
CA ALA A 43 13.68 8.88 0.25
C ALA A 43 13.93 7.49 0.85
N PRO A 44 14.94 6.76 0.36
CA PRO A 44 15.17 5.40 0.85
C PRO A 44 15.68 5.33 2.28
N LYS A 45 16.11 6.44 2.86
CA LYS A 45 16.67 6.41 4.20
C LYS A 45 15.65 6.91 5.22
N PRO A 46 15.81 6.54 6.50
CA PRO A 46 14.88 7.02 7.53
C PRO A 46 14.84 8.54 7.56
N CYS A 47 13.73 9.06 8.05
CA CYS A 47 13.51 10.50 8.08
C CYS A 47 14.46 11.18 9.05
N GLU A 48 15.02 12.31 8.63
CA GLU A 48 15.80 13.14 9.53
C GLU A 48 15.03 13.39 10.83
N ASN A 49 13.76 13.76 10.71
CA ASN A 49 12.86 13.79 11.85
C ASN A 49 12.40 12.37 12.15
N PRO A 50 12.74 11.79 13.30
CA PRO A 50 12.48 10.35 13.50
C PRO A 50 11.03 9.96 13.31
N VAL A 51 10.09 10.73 13.88
CA VAL A 51 8.67 10.40 13.76
C VAL A 51 8.13 10.64 12.36
N GLY A 52 8.91 11.27 11.48
CA GLY A 52 8.46 11.49 10.12
C GLY A 52 8.07 10.20 9.41
N ASP A 53 8.74 9.10 9.74
CA ASP A 53 8.43 7.82 9.09
C ASP A 53 7.05 7.32 9.50
N HIS A 54 6.60 7.63 10.71
CA HIS A 54 5.27 7.20 11.13
C HIS A 54 4.19 7.89 10.31
N TYR A 55 4.44 9.11 9.84
CA TYR A 55 3.47 9.82 9.03
C TYR A 55 3.55 9.45 7.55
N LEU A 56 4.72 9.03 7.07
CA LEU A 56 4.76 8.39 5.76
C LEU A 56 3.95 7.10 5.76
N LEU A 57 4.04 6.33 6.85
CA LEU A 57 3.28 5.08 6.95
C LEU A 57 1.79 5.36 6.94
N LYS A 58 1.34 6.33 7.74
CA LYS A 58 -0.07 6.70 7.75
C LYS A 58 -0.50 7.23 6.38
N SER A 59 0.37 7.97 5.72
CA SER A 59 0.03 8.53 4.42
C SER A 59 -0.19 7.44 3.37
N ILE A 60 0.64 6.39 3.40
CA ILE A 60 0.50 5.36 2.38
C ILE A 60 -0.70 4.46 2.69
N LYS A 61 -0.98 4.19 3.95
CA LYS A 61 -2.23 3.49 4.27
C LYS A 61 -3.43 4.25 3.76
N ASN A 62 -3.40 5.58 3.87
CA ASN A 62 -4.50 6.40 3.37
C ASN A 62 -4.67 6.22 1.86
N LYS A 63 -3.57 6.20 1.12
CA LYS A 63 -3.66 6.00 -0.32
C LYS A 63 -4.11 4.59 -0.67
N ILE A 64 -3.67 3.60 0.12
CA ILE A 64 -4.11 2.22 -0.10
C ILE A 64 -5.63 2.15 -0.04
N ASP A 65 -6.22 2.79 0.96
CA ASP A 65 -7.67 2.72 1.14
C ASP A 65 -8.41 3.35 -0.02
N TYR A 66 -8.03 4.58 -0.38
CA TYR A 66 -8.70 5.25 -1.50
C TYR A 66 -8.54 4.45 -2.79
N CYS A 67 -7.31 4.05 -3.10
CA CYS A 67 -7.06 3.32 -4.35
C CYS A 67 -7.76 1.96 -4.36
N ARG A 68 -7.87 1.31 -3.20
CA ARG A 68 -8.62 0.06 -3.14
C ARG A 68 -10.09 0.29 -3.48
N ILE A 69 -10.67 1.37 -2.95
CA ILE A 69 -12.08 1.67 -3.20
C ILE A 69 -12.30 1.92 -4.69
N HIS A 70 -11.45 2.73 -5.30
CA HIS A 70 -11.66 3.21 -6.65
C HIS A 70 -10.92 2.38 -7.71
N GLY A 71 -10.41 1.22 -7.34
CA GLY A 71 -9.77 0.33 -8.30
C GLY A 71 -8.62 0.99 -9.03
N ILE A 72 -7.66 1.51 -8.28
CA ILE A 72 -6.46 2.13 -8.82
C ILE A 72 -5.25 1.43 -8.21
N GLU A 73 -4.26 1.12 -9.04
CA GLU A 73 -3.06 0.46 -8.58
C GLU A 73 -2.04 1.48 -8.08
N ILE A 74 -1.16 1.03 -7.19
CA ILE A 74 -0.21 1.89 -6.51
C ILE A 74 1.20 1.43 -6.79
N PHE A 75 2.09 2.38 -7.05
CA PHE A 75 3.52 2.16 -7.07
C PHE A 75 4.18 3.11 -6.08
N TYR A 76 4.95 2.55 -5.15
CA TYR A 76 5.64 3.34 -4.12
C TYR A 76 7.14 3.24 -4.38
N ASN A 77 7.72 4.33 -4.87
CA ASN A 77 9.14 4.34 -5.22
C ASN A 77 9.99 4.77 -4.03
N MET A 78 11.08 4.05 -3.80
CA MET A 78 12.05 4.40 -2.79
C MET A 78 13.47 4.48 -3.36
N ALA A 79 13.60 4.54 -4.68
CA ALA A 79 14.90 4.49 -5.34
C ALA A 79 15.21 5.82 -6.00
N LEU A 80 16.48 6.21 -5.94
CA LEU A 80 16.98 7.37 -6.68
C LEU A 80 17.52 6.86 -8.01
N LEU A 81 16.69 6.91 -9.04
CA LEU A 81 17.07 6.35 -10.33
C LEU A 81 18.14 7.17 -11.04
N ASP A 82 18.27 8.44 -10.71
CA ASP A 82 19.22 9.34 -11.38
C ASP A 82 19.84 10.24 -10.32
N ALA A 83 21.15 10.08 -10.11
CA ALA A 83 21.83 10.82 -9.04
C ALA A 83 21.66 12.31 -9.20
N GLU A 84 21.56 12.82 -10.43
CA GLU A 84 21.46 14.26 -10.64
C GLU A 84 20.08 14.78 -10.26
N MET A 85 19.04 13.95 -10.43
CA MET A 85 17.66 14.38 -10.17
C MET A 85 17.23 13.97 -8.77
N ALA A 86 17.95 14.49 -7.79
CA ALA A 86 17.65 14.19 -6.39
C ALA A 86 16.53 15.10 -5.88
N GLY A 87 15.96 14.70 -4.74
CA GLY A 87 14.92 15.47 -4.10
C GLY A 87 13.58 15.38 -4.80
N PHE A 88 12.85 16.49 -4.85
CA PHE A 88 11.55 16.51 -5.52
C PHE A 88 11.67 16.39 -7.03
N TRP A 89 12.88 16.49 -7.59
CA TRP A 89 13.08 16.25 -9.01
C TRP A 89 13.12 14.76 -9.35
N ALA A 90 13.19 13.88 -8.36
CA ALA A 90 13.34 12.45 -8.60
C ALA A 90 12.13 11.85 -9.31
N LYS A 91 11.00 12.55 -9.33
CA LYS A 91 9.80 11.97 -9.92
C LYS A 91 9.79 12.04 -11.44
N LEU A 92 10.61 12.90 -12.05
CA LEU A 92 10.63 12.95 -13.51
C LEU A 92 11.21 11.68 -14.11
N PRO A 93 12.40 11.23 -13.74
CA PRO A 93 12.87 9.93 -14.27
C PRO A 93 11.95 8.77 -13.92
N LEU A 94 11.38 8.78 -12.70
CA LEU A 94 10.47 7.72 -12.31
C LEU A 94 9.24 7.68 -13.19
N ILE A 95 8.66 8.86 -13.48
CA ILE A 95 7.43 8.90 -14.27
C ILE A 95 7.70 8.43 -15.70
N ARG A 96 8.85 8.79 -16.27
CA ARG A 96 9.16 8.37 -17.63
C ARG A 96 9.33 6.86 -17.70
N LYS A 97 10.09 6.28 -16.77
CA LYS A 97 10.29 4.84 -16.75
C LYS A 97 8.97 4.10 -16.66
N LEU A 98 8.07 4.57 -15.81
CA LEU A 98 6.81 3.86 -15.60
C LEU A 98 5.91 3.97 -16.82
N LEU A 99 5.91 5.12 -17.49
CA LEU A 99 5.08 5.28 -18.69
C LEU A 99 5.57 4.38 -19.82
N LEU A 100 6.89 4.28 -20.01
CA LEU A 100 7.43 3.44 -21.06
C LEU A 100 7.32 1.95 -20.71
N SER A 101 7.37 1.63 -19.42
CA SER A 101 7.29 0.24 -18.99
C SER A 101 5.87 -0.30 -18.94
N HIS A 102 4.88 0.58 -18.81
CA HIS A 102 3.48 0.17 -18.68
C HIS A 102 2.65 0.89 -19.74
N PRO A 103 2.72 0.45 -20.99
CA PRO A 103 1.89 1.07 -22.04
C PRO A 103 0.40 0.92 -21.78
N GLU A 104 -0.03 -0.06 -20.98
CA GLU A 104 -1.44 -0.21 -20.69
C GLU A 104 -1.98 0.92 -19.81
N ILE A 105 -1.10 1.68 -19.16
CA ILE A 105 -1.53 2.79 -18.33
C ILE A 105 -1.92 3.96 -19.22
N GLU A 106 -3.11 4.51 -18.99
CA GLU A 106 -3.53 5.71 -19.71
C GLU A 106 -3.14 6.98 -18.95
N PHE A 107 -3.37 7.01 -17.64
CA PHE A 107 -3.04 8.14 -16.79
C PHE A 107 -2.15 7.70 -15.64
N LEU A 108 -1.04 8.41 -15.47
CA LEU A 108 -0.21 8.27 -14.27
C LEU A 108 -0.59 9.39 -13.31
N TRP A 109 -0.98 9.03 -12.10
CA TRP A 109 -1.43 9.98 -11.08
C TRP A 109 -0.35 10.07 -10.02
N TRP A 110 0.56 11.03 -10.16
CA TRP A 110 1.55 11.28 -9.13
C TRP A 110 0.88 11.95 -7.93
N MET A 111 1.30 11.56 -6.73
CA MET A 111 0.77 12.14 -5.50
C MET A 111 1.88 12.21 -4.47
N ASP A 112 2.12 13.40 -3.95
CA ASP A 112 3.13 13.61 -2.93
C ASP A 112 2.88 12.74 -1.70
N SER A 113 3.96 12.46 -0.97
CA SER A 113 3.83 11.68 0.25
C SER A 113 3.19 12.49 1.38
N ASP A 114 3.31 13.81 1.35
CA ASP A 114 2.63 14.68 2.31
C ASP A 114 1.23 15.08 1.84
N ALA A 115 0.69 14.38 0.86
CA ALA A 115 -0.67 14.61 0.37
C ALA A 115 -1.53 13.40 0.71
N MET A 116 -2.75 13.67 1.19
CA MET A 116 -3.60 12.64 1.77
C MET A 116 -5.03 12.78 1.25
N PHE A 117 -5.67 11.65 1.02
CA PHE A 117 -7.06 11.64 0.56
C PHE A 117 -7.98 11.90 1.75
N THR A 118 -8.79 12.97 1.65
CA THR A 118 -9.78 13.28 2.67
C THR A 118 -11.21 13.18 2.16
N ASP A 119 -11.42 12.81 0.91
CA ASP A 119 -12.74 12.47 0.37
C ASP A 119 -12.63 11.10 -0.29
N MET A 120 -13.07 10.06 0.40
CA MET A 120 -12.95 8.70 -0.11
C MET A 120 -14.05 8.35 -1.11
N VAL A 121 -15.09 9.16 -1.23
CA VAL A 121 -16.17 8.90 -2.17
C VAL A 121 -15.88 9.49 -3.54
N PHE A 122 -15.29 10.68 -3.57
CA PHE A 122 -15.11 11.42 -4.81
C PHE A 122 -14.29 10.63 -5.82
N GLU A 123 -14.83 10.49 -7.02
CA GLU A 123 -14.13 9.89 -8.16
C GLU A 123 -13.83 10.99 -9.17
N LEU A 124 -12.58 11.04 -9.64
CA LEU A 124 -12.19 12.10 -10.55
C LEU A 124 -13.08 12.08 -11.80
N PRO A 125 -13.42 13.25 -12.35
CA PRO A 125 -14.23 13.30 -13.59
C PRO A 125 -13.39 13.05 -14.83
N TRP A 126 -13.17 11.77 -15.14
CA TRP A 126 -12.25 11.40 -16.21
C TRP A 126 -12.70 11.97 -17.55
N GLU A 127 -13.98 11.84 -17.88
CA GLU A 127 -14.47 12.33 -19.16
C GLU A 127 -14.10 13.79 -19.38
N ARG A 128 -14.12 14.58 -18.30
CA ARG A 128 -13.76 15.99 -18.41
C ARG A 128 -12.39 16.19 -19.02
N TYR A 129 -11.50 15.19 -18.90
CA TYR A 129 -10.13 15.31 -19.35
C TYR A 129 -9.85 14.47 -20.60
N LYS A 130 -10.90 14.00 -21.29
CA LYS A 130 -10.72 13.10 -22.41
C LYS A 130 -9.83 13.69 -23.50
N ASP A 131 -9.71 15.02 -23.58
CA ASP A 131 -8.95 15.68 -24.64
C ASP A 131 -7.68 16.34 -24.11
N TYR A 132 -7.31 16.11 -22.86
CA TYR A 132 -6.14 16.73 -22.26
C TYR A 132 -5.16 15.67 -21.82
N ASN A 133 -3.89 16.07 -21.70
CA ASN A 133 -2.81 15.16 -21.30
C ASN A 133 -2.21 15.46 -19.95
N LEU A 134 -2.38 16.68 -19.42
CA LEU A 134 -1.84 17.06 -18.12
C LEU A 134 -2.90 17.78 -17.33
N VAL A 135 -3.20 17.29 -16.13
CA VAL A 135 -4.24 17.84 -15.28
C VAL A 135 -3.60 18.22 -13.95
N MET A 136 -3.69 19.50 -13.60
CA MET A 136 -3.14 20.01 -12.35
C MET A 136 -4.14 20.95 -11.72
N HIS A 137 -4.07 21.08 -10.40
CA HIS A 137 -4.87 22.07 -9.70
C HIS A 137 -4.22 23.44 -9.85
N GLY A 138 -4.99 24.40 -10.33
CA GLY A 138 -4.45 25.73 -10.54
C GLY A 138 -5.45 26.63 -11.23
N TRP A 139 -4.98 27.80 -11.62
CA TRP A 139 -5.80 28.83 -12.25
C TRP A 139 -5.05 29.39 -13.45
N ASN A 140 -5.75 29.50 -14.58
CA ASN A 140 -5.13 30.03 -15.80
C ASN A 140 -4.49 31.39 -15.55
N GLU A 141 -5.25 32.32 -14.96
CA GLU A 141 -4.76 33.69 -14.82
C GLU A 141 -3.53 33.75 -13.95
N MET A 142 -3.48 32.95 -12.87
CA MET A 142 -2.34 33.00 -11.97
C MET A 142 -1.08 32.41 -12.59
N VAL A 143 -1.21 31.50 -13.55
CA VAL A 143 -0.07 30.84 -14.17
C VAL A 143 0.38 31.64 -15.39
N TYR A 144 -0.51 31.80 -16.36
CA TYR A 144 -0.13 32.39 -17.64
C TYR A 144 0.06 33.91 -17.54
N ASP A 145 -0.84 34.59 -16.85
CA ASP A 145 -0.78 36.05 -16.77
C ASP A 145 0.13 36.53 -15.64
N GLN A 146 -0.06 36.00 -14.43
CA GLN A 146 0.69 36.46 -13.27
C GLN A 146 2.03 35.74 -13.09
N LYS A 147 2.19 34.56 -13.68
CA LYS A 147 3.43 33.78 -13.51
C LYS A 147 3.71 33.52 -12.03
N ASN A 148 2.65 33.26 -11.27
CA ASN A 148 2.79 33.00 -9.84
C ASN A 148 3.28 31.58 -9.62
N TRP A 149 4.34 31.44 -8.82
CA TRP A 149 4.94 30.13 -8.61
C TRP A 149 4.00 29.17 -7.89
N ILE A 150 2.87 29.64 -7.37
CA ILE A 150 1.87 28.78 -6.76
C ILE A 150 0.56 28.80 -7.55
N GLY A 151 0.60 29.27 -8.81
CA GLY A 151 -0.58 29.23 -9.65
C GLY A 151 -1.03 27.84 -9.99
N LEU A 152 -0.16 26.85 -9.81
CA LEU A 152 -0.50 25.44 -9.97
C LEU A 152 0.27 24.65 -8.93
N ASN A 153 0.00 23.35 -8.86
CA ASN A 153 0.65 22.48 -7.89
C ASN A 153 1.01 21.16 -8.55
N THR A 154 2.27 20.74 -8.36
CA THR A 154 2.77 19.50 -8.96
C THR A 154 2.87 18.36 -7.95
N GLY A 155 2.14 18.45 -6.84
CA GLY A 155 2.08 17.38 -5.87
C GLY A 155 0.94 16.41 -6.08
N SER A 156 0.05 16.67 -7.04
CA SER A 156 -1.06 15.78 -7.33
C SER A 156 -1.55 16.13 -8.74
N PHE A 157 -1.15 15.33 -9.73
CA PHE A 157 -1.50 15.62 -11.12
C PHE A 157 -1.62 14.34 -11.91
N LEU A 158 -2.40 14.42 -12.99
CA LEU A 158 -2.57 13.32 -13.93
C LEU A 158 -1.77 13.62 -15.19
N LEU A 159 -1.03 12.62 -15.67
CA LEU A 159 -0.22 12.74 -16.88
C LEU A 159 -0.54 11.58 -17.80
N ARG A 160 -1.02 11.88 -19.01
CA ARG A 160 -1.43 10.83 -19.93
C ARG A 160 -0.20 10.15 -20.52
N ASN A 161 -0.31 8.83 -20.72
CA ASN A 161 0.74 8.09 -21.40
C ASN A 161 0.67 8.39 -22.89
N SER A 162 1.61 9.20 -23.38
CA SER A 162 1.57 9.65 -24.77
C SER A 162 2.90 10.30 -25.14
N GLN A 163 3.12 10.44 -26.44
CA GLN A 163 4.33 11.11 -26.91
C GLN A 163 4.38 12.55 -26.41
N TRP A 164 3.22 13.22 -26.35
CA TRP A 164 3.17 14.57 -25.80
C TRP A 164 3.79 14.62 -24.41
N SER A 165 3.43 13.67 -23.56
CA SER A 165 3.94 13.66 -22.20
C SER A 165 5.45 13.43 -22.18
N LEU A 166 5.97 12.55 -23.04
CA LEU A 166 7.41 12.34 -23.11
C LEU A 166 8.13 13.63 -23.49
N ASP A 167 7.54 14.41 -24.41
CA ASP A 167 8.15 15.67 -24.79
C ASP A 167 8.10 16.68 -23.66
N LEU A 168 6.99 16.74 -22.93
CA LEU A 168 6.89 17.62 -21.79
C LEU A 168 7.99 17.32 -20.78
N LEU A 169 8.23 16.04 -20.49
CA LEU A 169 9.26 15.68 -19.53
C LEU A 169 10.63 16.19 -19.98
N ASP A 170 10.91 16.09 -21.27
CA ASP A 170 12.18 16.61 -21.79
C ASP A 170 12.31 18.10 -21.54
N ALA A 171 11.23 18.85 -21.74
CA ALA A 171 11.24 20.30 -21.54
C ALA A 171 11.15 20.70 -20.07
N TRP A 172 10.85 19.76 -19.18
CA TRP A 172 10.66 20.02 -17.76
C TRP A 172 11.92 19.77 -16.94
N ALA A 173 12.78 18.87 -17.39
CA ALA A 173 13.95 18.43 -16.64
C ALA A 173 15.12 19.40 -16.64
N PRO A 174 15.29 20.28 -17.65
CA PRO A 174 16.53 21.08 -17.72
C PRO A 174 16.95 21.76 -16.42
N MET A 175 16.00 22.28 -15.64
CA MET A 175 16.33 22.95 -14.38
C MET A 175 16.51 21.97 -13.23
N GLY A 176 16.64 20.68 -13.50
CA GLY A 176 16.64 19.66 -12.47
C GLY A 176 18.01 19.30 -11.91
N PRO A 177 18.99 19.03 -12.80
CA PRO A 177 20.29 18.52 -12.32
C PRO A 177 20.84 19.30 -11.13
N LYS A 178 21.07 18.59 -10.02
CA LYS A 178 21.54 19.23 -8.81
C LYS A 178 22.89 19.89 -9.04
N GLY A 179 23.16 20.94 -8.25
CA GLY A 179 24.41 21.66 -8.35
C GLY A 179 24.27 23.01 -9.00
N LYS A 180 25.27 23.41 -9.79
CA LYS A 180 25.24 24.73 -10.41
C LYS A 180 23.99 24.92 -11.27
N ILE A 181 23.54 23.87 -11.95
CA ILE A 181 22.42 23.99 -12.87
C ILE A 181 21.15 24.34 -12.11
N ARG A 182 20.86 23.59 -11.04
CA ARG A 182 19.64 23.84 -10.28
C ARG A 182 19.72 25.16 -9.51
N GLU A 183 20.87 25.45 -8.90
CA GLU A 183 21.01 26.69 -8.16
C GLU A 183 20.88 27.91 -9.06
N GLU A 184 21.56 27.89 -10.21
CA GLU A 184 21.45 28.99 -11.16
C GLU A 184 20.02 29.12 -11.67
N ALA A 185 19.43 28.01 -12.11
CA ALA A 185 18.03 28.05 -12.55
C ALA A 185 17.11 28.56 -11.44
N GLY A 186 17.49 28.34 -10.18
CA GLY A 186 16.71 28.89 -9.08
C GLY A 186 16.68 30.41 -9.11
N LYS A 187 17.83 31.04 -9.39
CA LYS A 187 17.87 32.49 -9.49
C LYS A 187 17.02 32.98 -10.65
N VAL A 188 17.01 32.24 -11.75
CA VAL A 188 16.17 32.62 -12.90
C VAL A 188 14.70 32.59 -12.51
N LEU A 189 14.29 31.59 -11.74
CA LEU A 189 12.88 31.45 -11.38
C LEU A 189 12.47 32.54 -10.39
N THR A 190 13.31 32.82 -9.39
CA THR A 190 12.99 33.87 -8.43
C THR A 190 12.86 35.22 -9.12
N ARG A 191 13.57 35.43 -10.22
CA ARG A 191 13.53 36.70 -10.93
C ARG A 191 12.37 36.80 -11.91
N GLU A 192 11.94 35.67 -12.49
CA GLU A 192 10.92 35.69 -13.52
C GLU A 192 9.53 35.33 -13.01
N LEU A 193 9.41 34.74 -11.83
CA LEU A 193 8.11 34.37 -11.27
C LEU A 193 7.71 35.34 -10.17
N LYS A 194 6.41 35.37 -9.91
CA LYS A 194 5.83 36.29 -8.95
C LYS A 194 5.82 35.66 -7.56
N ASP A 195 6.43 36.36 -6.60
CA ASP A 195 6.37 36.01 -5.18
C ASP A 195 7.15 34.73 -4.85
N ARG A 196 8.13 34.36 -5.67
CA ARG A 196 8.93 33.17 -5.37
C ARG A 196 10.09 33.55 -4.45
N PRO A 197 10.25 32.92 -3.29
CA PRO A 197 11.45 33.18 -2.49
C PRO A 197 12.72 32.73 -3.21
N ALA A 198 13.87 32.83 -2.55
CA ALA A 198 15.16 32.53 -3.16
C ALA A 198 15.61 31.15 -2.67
N PHE A 199 15.62 30.18 -3.59
CA PHE A 199 16.12 28.84 -3.27
C PHE A 199 16.31 28.08 -4.58
N GLU A 200 16.87 26.88 -4.47
CA GLU A 200 17.16 26.06 -5.64
C GLU A 200 15.91 25.88 -6.50
N ALA A 201 16.13 25.68 -7.79
CA ALA A 201 15.03 25.42 -8.70
C ALA A 201 14.23 24.21 -8.24
N ASP A 202 12.91 24.30 -8.39
CA ASP A 202 12.02 23.20 -8.02
C ASP A 202 11.11 22.87 -9.20
N ASP A 203 10.59 21.64 -9.19
CA ASP A 203 9.79 21.17 -10.31
C ASP A 203 8.54 22.00 -10.51
N GLN A 204 7.94 22.50 -9.43
CA GLN A 204 6.72 23.29 -9.56
C GLN A 204 6.99 24.62 -10.23
N SER A 205 7.97 25.38 -9.71
CA SER A 205 8.32 26.66 -10.33
C SER A 205 8.72 26.47 -11.78
N ALA A 206 9.50 25.42 -12.08
CA ALA A 206 9.92 25.18 -13.45
C ALA A 206 8.71 24.94 -14.36
N MET A 207 7.72 24.20 -13.89
CA MET A 207 6.52 23.98 -14.68
C MET A 207 5.81 25.29 -14.99
N VAL A 208 5.69 26.17 -13.98
CA VAL A 208 5.08 27.47 -14.21
C VAL A 208 5.86 28.24 -15.26
N TYR A 209 7.19 28.30 -15.11
CA TYR A 209 8.02 29.02 -16.07
C TYR A 209 7.84 28.46 -17.48
N LEU A 210 7.75 27.13 -17.60
CA LEU A 210 7.60 26.52 -18.91
C LEU A 210 6.25 26.87 -19.53
N LEU A 211 5.16 26.64 -18.79
CA LEU A 211 3.83 26.86 -19.36
C LEU A 211 3.57 28.33 -19.64
N ALA A 212 4.10 29.23 -18.82
CA ALA A 212 3.85 30.65 -19.05
C ALA A 212 4.63 31.18 -20.24
N THR A 213 5.86 30.71 -20.42
CA THR A 213 6.73 31.18 -21.50
C THR A 213 6.54 30.40 -22.80
N GLU A 214 5.74 29.34 -22.80
CA GLU A 214 5.53 28.52 -23.99
C GLU A 214 4.09 28.01 -24.01
N ARG A 215 3.13 28.92 -23.78
CA ARG A 215 1.73 28.53 -23.69
C ARG A 215 1.23 27.94 -25.00
N GLU A 216 1.66 28.50 -26.13
CA GLU A 216 1.18 28.02 -27.42
C GLU A 216 1.51 26.55 -27.62
N LYS A 217 2.70 26.12 -27.19
CA LYS A 217 3.16 24.76 -27.45
C LYS A 217 2.49 23.76 -26.51
N TRP A 218 2.28 24.13 -25.25
CA TRP A 218 1.83 23.19 -24.23
C TRP A 218 0.43 23.48 -23.69
N GLY A 219 0.02 24.75 -23.65
CA GLY A 219 -1.21 25.10 -22.93
C GLY A 219 -2.44 24.37 -23.42
N GLY A 220 -2.50 24.05 -24.72
CA GLY A 220 -3.69 23.46 -25.28
C GLY A 220 -4.04 22.11 -24.68
N LYS A 221 -3.04 21.38 -24.20
CA LYS A 221 -3.25 20.05 -23.63
C LYS A 221 -3.20 20.03 -22.11
N VAL A 222 -3.11 21.19 -21.47
CA VAL A 222 -3.08 21.30 -20.02
C VAL A 222 -4.45 21.75 -19.54
N TYR A 223 -4.97 21.08 -18.51
CA TYR A 223 -6.22 21.45 -17.87
C TYR A 223 -5.90 21.89 -16.44
N LEU A 224 -6.05 23.18 -16.16
CA LEU A 224 -5.84 23.72 -14.82
C LEU A 224 -7.18 23.64 -14.08
N GLU A 225 -7.29 22.67 -13.20
CA GLU A 225 -8.53 22.38 -12.50
C GLU A 225 -8.62 23.20 -11.22
N SER A 226 -9.81 23.75 -10.96
CA SER A 226 -10.07 24.45 -9.71
C SER A 226 -11.48 24.20 -9.18
N GLY A 227 -12.25 23.31 -9.80
CA GLY A 227 -13.57 22.99 -9.30
C GLY A 227 -13.57 22.07 -8.10
N TYR A 228 -12.45 21.39 -7.85
CA TYR A 228 -12.30 20.56 -6.65
C TYR A 228 -10.83 20.55 -6.27
N TYR A 229 -10.56 20.06 -5.06
CA TYR A 229 -9.21 20.12 -4.51
C TYR A 229 -8.42 18.86 -4.89
N LEU A 230 -8.08 18.78 -6.18
CA LEU A 230 -7.05 17.84 -6.61
C LEU A 230 -5.76 18.09 -5.83
N HIS A 231 -5.48 19.35 -5.51
CA HIS A 231 -4.50 19.73 -4.52
C HIS A 231 -5.16 20.69 -3.55
N GLY A 232 -5.12 20.36 -2.26
CA GLY A 232 -5.75 21.17 -1.24
C GLY A 232 -4.78 21.71 -0.21
N TYR A 233 -4.48 23.01 -0.29
CA TYR A 233 -3.63 23.66 0.69
C TYR A 233 -4.16 23.43 2.10
N TRP A 234 -3.40 22.72 2.93
CA TRP A 234 -3.87 22.36 4.26
C TRP A 234 -4.20 23.60 5.09
N GLY A 235 -3.50 24.71 4.85
CA GLY A 235 -3.63 25.86 5.72
C GLY A 235 -5.05 26.41 5.81
N ILE A 236 -5.87 26.19 4.77
CA ILE A 236 -7.21 26.73 4.72
C ILE A 236 -8.27 25.64 4.82
N LEU A 237 -7.88 24.41 5.17
CA LEU A 237 -8.81 23.29 5.20
C LEU A 237 -8.88 22.63 6.57
N VAL A 238 -7.75 22.37 7.21
CA VAL A 238 -7.73 21.50 8.40
C VAL A 238 -8.58 22.09 9.52
N ASP A 239 -8.65 23.41 9.62
CA ASP A 239 -9.44 24.02 10.69
C ASP A 239 -10.95 23.91 10.45
N ARG A 240 -11.37 23.55 9.23
CA ARG A 240 -12.79 23.51 8.89
C ARG A 240 -13.37 22.10 8.90
N TYR A 241 -12.60 21.09 9.29
CA TYR A 241 -13.05 19.71 9.16
C TYR A 241 -14.35 19.48 9.91
N GLU A 242 -14.42 19.93 11.17
CA GLU A 242 -15.63 19.67 11.96
C GLU A 242 -16.84 20.37 11.36
N GLU A 243 -16.66 21.55 10.77
CA GLU A 243 -17.75 22.21 10.08
C GLU A 243 -18.26 21.35 8.93
N MET A 244 -17.35 20.75 8.15
CA MET A 244 -17.74 19.93 7.02
C MET A 244 -18.55 18.72 7.49
N ILE A 245 -18.12 18.08 8.56
CA ILE A 245 -18.84 16.92 9.08
C ILE A 245 -20.27 17.30 9.42
N GLU A 246 -20.47 18.50 9.98
CA GLU A 246 -21.81 18.92 10.39
C GLU A 246 -22.67 19.28 9.17
N ASN A 247 -22.11 20.04 8.24
CA ASN A 247 -22.90 20.69 7.18
C ASN A 247 -22.96 19.90 5.89
N HIS A 248 -21.96 19.08 5.58
CA HIS A 248 -21.84 18.48 4.26
C HIS A 248 -21.63 16.98 4.39
N LYS A 249 -21.18 16.36 3.31
CA LYS A 249 -20.96 14.92 3.25
C LYS A 249 -19.86 14.64 2.25
N PRO A 250 -19.19 13.50 2.35
CA PRO A 250 -18.16 13.16 1.35
C PRO A 250 -18.78 12.98 -0.03
N GLY A 251 -18.05 13.42 -1.05
CA GLY A 251 -18.51 13.31 -2.42
C GLY A 251 -18.36 14.59 -3.20
N PHE A 252 -18.30 15.73 -2.50
CA PHE A 252 -18.17 17.02 -3.17
C PHE A 252 -16.73 17.25 -3.66
N GLY A 253 -15.74 16.86 -2.87
CA GLY A 253 -14.36 16.98 -3.26
C GLY A 253 -13.79 18.38 -3.25
N ASP A 254 -14.61 19.40 -2.95
CA ASP A 254 -14.20 20.79 -3.03
C ASP A 254 -14.20 21.40 -1.62
N HIS A 255 -14.54 22.69 -1.51
CA HIS A 255 -14.51 23.38 -0.23
C HIS A 255 -15.42 22.74 0.80
N ARG A 256 -16.42 21.97 0.37
CA ARG A 256 -17.32 21.31 1.31
C ARG A 256 -16.74 20.00 1.84
N TRP A 257 -15.81 19.38 1.12
CA TRP A 257 -15.19 18.12 1.54
C TRP A 257 -14.00 17.86 0.63
N PRO A 258 -12.81 18.36 0.99
CA PRO A 258 -11.71 18.36 0.02
C PRO A 258 -11.24 16.95 -0.30
N LEU A 259 -10.95 16.72 -1.59
CA LEU A 259 -10.42 15.42 -2.01
C LEU A 259 -9.05 15.17 -1.41
N VAL A 260 -8.15 16.14 -1.53
CA VAL A 260 -6.77 16.02 -1.09
C VAL A 260 -6.47 17.14 -0.11
N THR A 261 -5.90 16.78 1.04
CA THR A 261 -5.29 17.73 1.95
C THR A 261 -3.78 17.54 1.85
N HIS A 262 -3.09 18.58 1.40
CA HIS A 262 -1.67 18.52 1.07
C HIS A 262 -0.91 19.43 2.02
N PHE A 263 0.02 18.85 2.78
CA PHE A 263 0.70 19.58 3.84
C PHE A 263 2.01 20.19 3.32
N VAL A 264 1.84 21.03 2.29
CA VAL A 264 2.97 21.75 1.70
C VAL A 264 3.64 22.61 2.76
N GLY A 265 4.98 22.63 2.73
CA GLY A 265 5.76 23.45 3.63
C GLY A 265 6.02 22.84 4.99
N CYS A 266 5.45 21.66 5.29
CA CYS A 266 5.57 21.08 6.62
C CYS A 266 6.83 20.24 6.78
N LYS A 267 7.18 19.43 5.79
CA LYS A 267 8.38 18.61 5.87
C LYS A 267 8.32 17.69 7.08
N PRO A 268 7.29 16.84 7.20
CA PRO A 268 7.26 15.91 8.34
C PRO A 268 8.47 14.99 8.39
N CYS A 269 9.08 14.72 7.24
CA CYS A 269 10.22 13.81 7.15
C CYS A 269 11.54 14.55 7.26
N GLY A 270 11.74 15.57 6.44
CA GLY A 270 12.97 16.34 6.46
C GLY A 270 13.03 17.31 7.63
N LYS A 271 13.50 18.52 7.38
CA LYS A 271 13.60 19.54 8.41
C LYS A 271 13.50 20.92 7.77
N PHE A 272 13.40 21.93 8.63
CA PHE A 272 13.39 23.33 8.19
C PHE A 272 12.16 23.63 7.32
N GLY A 273 10.99 23.23 7.81
CA GLY A 273 9.75 23.57 7.16
C GLY A 273 9.38 25.03 7.35
N ASP A 274 8.31 25.44 6.66
CA ASP A 274 7.81 26.79 6.76
C ASP A 274 6.81 26.98 7.89
N TYR A 275 6.41 25.91 8.57
CA TYR A 275 5.44 25.98 9.65
C TYR A 275 5.94 25.16 10.83
N PRO A 276 5.42 25.41 12.03
CA PRO A 276 5.87 24.65 13.20
C PRO A 276 5.55 23.17 13.03
N VAL A 277 6.52 22.32 13.39
CA VAL A 277 6.34 20.88 13.25
C VAL A 277 5.16 20.40 14.08
N GLU A 278 5.05 20.89 15.31
CA GLU A 278 3.96 20.47 16.19
C GLU A 278 2.61 20.74 15.55
N ARG A 279 2.42 21.95 15.02
CA ARG A 279 1.16 22.29 14.35
C ARG A 279 0.95 21.41 13.12
N CYS A 280 2.00 21.20 12.34
CA CYS A 280 1.89 20.35 11.16
C CYS A 280 1.42 18.94 11.53
N LEU A 281 2.17 18.28 12.43
CA LEU A 281 1.90 16.87 12.71
C LEU A 281 0.51 16.69 13.33
N ARG A 282 0.13 17.59 14.25
CA ARG A 282 -1.18 17.44 14.88
C ARG A 282 -2.32 17.60 13.89
N GLN A 283 -2.13 18.46 12.87
CA GLN A 283 -3.15 18.59 11.83
C GLN A 283 -3.11 17.43 10.85
N MET A 284 -1.93 16.85 10.60
CA MET A 284 -1.85 15.64 9.79
C MET A 284 -2.60 14.49 10.48
N ASP A 285 -2.55 14.43 11.81
CA ASP A 285 -3.36 13.45 12.53
C ASP A 285 -4.85 13.69 12.28
N ARG A 286 -5.28 14.95 12.33
CA ARG A 286 -6.68 15.25 12.06
C ARG A 286 -7.05 14.91 10.63
N ALA A 287 -6.20 15.28 9.67
CA ALA A 287 -6.47 14.95 8.27
C ALA A 287 -6.61 13.44 8.07
N PHE A 288 -5.66 12.68 8.62
CA PHE A 288 -5.72 11.23 8.51
C PHE A 288 -7.01 10.68 9.11
N ASN A 289 -7.39 11.16 10.30
CA ASN A 289 -8.61 10.69 10.93
C ASN A 289 -9.85 11.15 10.17
N PHE A 290 -9.79 12.34 9.56
CA PHE A 290 -10.90 12.79 8.73
C PHE A 290 -11.16 11.83 7.59
N GLY A 291 -10.11 11.37 6.92
CA GLY A 291 -10.27 10.39 5.87
C GLY A 291 -10.56 9.00 6.41
N ASP A 292 -9.86 8.61 7.47
CA ASP A 292 -10.00 7.26 8.00
C ASP A 292 -11.41 7.01 8.53
N ASN A 293 -12.10 8.05 8.99
CA ASN A 293 -13.48 7.89 9.45
C ASN A 293 -14.36 7.32 8.35
N GLN A 294 -14.14 7.75 7.10
CA GLN A 294 -14.95 7.25 6.00
C GLN A 294 -14.68 5.78 5.73
N ILE A 295 -13.47 5.30 6.03
CA ILE A 295 -13.16 3.89 5.88
C ILE A 295 -13.76 3.08 7.03
N LEU A 296 -13.52 3.52 8.27
CA LEU A 296 -13.97 2.77 9.43
C LEU A 296 -15.49 2.69 9.49
N GLN A 297 -16.20 3.66 8.92
CA GLN A 297 -17.65 3.67 9.02
C GLN A 297 -18.29 2.59 8.16
N MET A 298 -17.58 2.11 7.13
CA MET A 298 -18.07 0.95 6.40
C MET A 298 -18.23 -0.26 7.32
N TYR A 299 -17.36 -0.37 8.33
CA TYR A 299 -17.31 -1.54 9.20
C TYR A 299 -17.90 -1.29 10.58
N GLY A 300 -18.58 -0.15 10.77
CA GLY A 300 -19.27 0.11 12.02
C GLY A 300 -18.45 0.78 13.09
N PHE A 301 -17.42 1.53 12.72
CA PHE A 301 -16.56 2.19 13.69
C PHE A 301 -16.25 3.61 13.21
N THR A 302 -15.78 4.42 14.15
CA THR A 302 -15.35 5.78 13.86
C THR A 302 -14.42 6.23 14.97
N HIS A 303 -13.57 7.20 14.65
CA HIS A 303 -12.70 7.79 15.65
C HIS A 303 -13.52 8.62 16.64
N LYS A 304 -13.21 8.48 17.93
CA LYS A 304 -13.91 9.25 18.94
C LYS A 304 -13.90 10.74 18.62
N SER A 305 -12.77 11.24 18.14
CA SER A 305 -12.66 12.60 17.64
C SER A 305 -11.55 12.63 16.61
N LEU A 306 -11.49 13.73 15.85
CA LEU A 306 -10.43 13.86 14.85
C LEU A 306 -9.04 13.93 15.48
N GLY A 307 -8.95 14.11 16.81
CA GLY A 307 -7.68 14.13 17.50
C GLY A 307 -7.38 12.92 18.35
N SER A 308 -8.17 11.85 18.23
CA SER A 308 -7.98 10.65 19.04
C SER A 308 -7.70 9.45 18.14
N ARG A 309 -6.70 8.65 18.52
CA ARG A 309 -6.42 7.42 17.82
C ARG A 309 -7.41 6.31 18.16
N ARG A 310 -8.12 6.44 19.28
CA ARG A 310 -9.12 5.44 19.66
C ARG A 310 -10.32 5.52 18.74
N VAL A 311 -11.01 4.39 18.60
CA VAL A 311 -12.23 4.30 17.79
C VAL A 311 -13.36 3.79 18.67
N LYS A 312 -14.58 4.04 18.23
CA LYS A 312 -15.77 3.59 18.93
C LYS A 312 -16.75 3.04 17.92
N PRO A 313 -17.61 2.09 18.31
CA PRO A 313 -18.61 1.57 17.38
C PRO A 313 -19.63 2.64 17.02
N THR A 314 -20.08 2.58 15.76
CA THR A 314 -21.18 3.41 15.30
C THR A 314 -22.52 2.69 15.34
N ARG A 315 -22.53 1.42 15.73
CA ARG A 315 -23.73 0.61 15.78
C ARG A 315 -23.40 -0.71 16.44
N ASN A 316 -24.41 -1.34 17.03
CA ASN A 316 -24.21 -2.60 17.72
C ASN A 316 -23.99 -3.74 16.72
N GLN A 317 -23.26 -4.76 17.14
CA GLN A 317 -23.04 -5.93 16.31
C GLN A 317 -24.36 -6.65 16.06
N THR A 318 -24.38 -7.47 15.01
CA THR A 318 -25.61 -8.13 14.58
C THR A 318 -25.27 -9.45 13.91
N ASP A 319 -26.21 -10.39 14.00
CA ASP A 319 -26.09 -11.68 13.34
C ASP A 319 -26.58 -11.65 11.90
N ARG A 320 -26.86 -10.47 11.37
CA ARG A 320 -27.33 -10.28 9.99
C ARG A 320 -26.56 -9.14 9.37
N PRO A 321 -25.26 -9.34 9.10
CA PRO A 321 -24.41 -8.22 8.65
C PRO A 321 -24.63 -7.80 7.20
N LEU A 322 -25.46 -8.50 6.44
CA LEU A 322 -25.65 -8.22 5.01
C LEU A 322 -26.97 -7.53 4.72
N ASP A 323 -27.64 -6.99 5.74
CA ASP A 323 -28.91 -6.31 5.54
C ASP A 323 -28.77 -4.80 5.43
N ALA A 324 -27.74 -4.21 6.04
CA ALA A 324 -27.55 -2.76 6.05
C ALA A 324 -26.28 -2.43 5.28
N LYS A 325 -26.44 -1.98 4.04
CA LYS A 325 -25.30 -1.50 3.27
C LYS A 325 -24.77 -0.21 3.88
N ASP A 326 -23.48 0.05 3.65
CA ASP A 326 -22.86 1.25 4.20
C ASP A 326 -23.54 2.50 3.65
N GLU A 327 -23.34 3.62 4.37
CA GLU A 327 -24.08 4.83 4.07
C GLU A 327 -23.79 5.36 2.67
N PHE A 328 -22.59 5.10 2.14
CA PHE A 328 -22.18 5.63 0.84
C PHE A 328 -21.84 4.53 -0.15
N GLY A 329 -22.15 3.28 0.15
CA GLY A 329 -21.93 2.19 -0.79
C GLY A 329 -20.50 2.04 -1.25
N LEU A 330 -19.54 2.19 -0.34
CA LEU A 330 -18.13 2.04 -0.66
C LEU A 330 -17.61 0.62 -0.40
N LEU A 331 -18.38 -0.23 0.29
CA LEU A 331 -17.97 -1.62 0.43
C LEU A 331 -17.96 -2.32 -0.92
N HIS A 332 -18.96 -2.07 -1.74
CA HIS A 332 -19.10 -2.69 -3.07
C HIS A 332 -19.47 -1.60 -4.07
N PRO A 333 -18.55 -0.69 -4.37
CA PRO A 333 -18.89 0.44 -5.22
C PRO A 333 -18.78 0.06 -6.69
N PRO A 334 -19.33 0.89 -7.59
CA PRO A 334 -19.23 0.58 -9.03
C PRO A 334 -17.81 0.58 -9.55
N PHE A 335 -16.85 1.16 -8.83
CA PHE A 335 -15.48 1.21 -9.31
C PHE A 335 -14.80 -0.15 -9.31
N LYS A 336 -15.42 -1.18 -8.73
CA LYS A 336 -14.85 -2.51 -8.66
C LYS A 336 -15.75 -3.57 -9.29
N ALA A 337 -16.73 -3.14 -10.08
CA ALA A 337 -17.66 -4.08 -10.72
C ALA A 337 -16.93 -4.92 -11.78
N PRO B 1 -18.02 -13.50 30.04
CA PRO B 1 -17.39 -14.36 29.03
C PRO B 1 -17.22 -13.65 27.69
N TYR B 2 -15.98 -13.51 27.23
CA TYR B 2 -15.70 -12.76 26.02
C TYR B 2 -16.33 -13.42 24.80
N SER B 3 -16.79 -12.59 23.87
CA SER B 3 -17.36 -13.06 22.61
C SER B 3 -16.92 -12.13 21.48
N LEU B 4 -16.60 -12.72 20.33
CA LEU B 4 -16.26 -11.94 19.16
C LEU B 4 -17.47 -11.23 18.55
N GLY B 5 -18.68 -11.62 18.93
CA GLY B 5 -19.88 -11.02 18.39
C GLY B 5 -21.07 -11.97 18.46
N PRO B 6 -22.24 -11.48 18.07
CA PRO B 6 -23.43 -12.33 18.09
C PRO B 6 -23.22 -13.60 17.27
N LYS B 7 -23.66 -14.72 17.82
CA LYS B 7 -23.49 -16.01 17.16
C LYS B 7 -24.20 -16.02 15.81
N ILE B 8 -23.47 -16.46 14.78
CA ILE B 8 -24.03 -16.65 13.45
C ILE B 8 -23.84 -18.11 13.07
N SER B 9 -24.90 -18.72 12.55
CA SER B 9 -24.90 -20.15 12.25
C SER B 9 -25.20 -20.48 10.79
N ASP B 10 -25.78 -19.56 10.02
CA ASP B 10 -26.14 -19.79 8.64
C ASP B 10 -25.30 -18.93 7.69
N TRP B 11 -24.04 -18.70 8.03
CA TRP B 11 -23.22 -17.78 7.24
C TRP B 11 -23.01 -18.30 5.83
N ASP B 12 -22.80 -19.61 5.66
CA ASP B 12 -22.66 -20.15 4.32
C ASP B 12 -23.90 -19.87 3.47
N GLU B 13 -25.08 -19.84 4.11
CA GLU B 13 -26.30 -19.54 3.37
C GLU B 13 -26.40 -18.05 3.05
N GLN B 14 -26.02 -17.18 3.99
CA GLN B 14 -26.04 -15.75 3.72
C GLN B 14 -25.07 -15.40 2.59
N ARG B 15 -23.86 -15.98 2.60
CA ARG B 15 -22.93 -15.76 1.51
C ARG B 15 -23.50 -16.24 0.19
N ARG B 16 -24.02 -17.47 0.18
CA ARG B 16 -24.54 -18.05 -1.06
C ARG B 16 -25.59 -17.15 -1.69
N ASP B 17 -26.53 -16.66 -0.88
CA ASP B 17 -27.58 -15.78 -1.41
C ASP B 17 -27.00 -14.44 -1.86
N TRP B 18 -26.11 -13.87 -1.06
CA TRP B 18 -25.53 -12.57 -1.42
C TRP B 18 -24.82 -12.64 -2.76
N LEU B 19 -24.00 -13.68 -2.96
CA LEU B 19 -23.29 -13.82 -4.23
C LEU B 19 -24.27 -13.96 -5.39
N LYS B 20 -25.31 -14.76 -5.21
CA LYS B 20 -26.35 -14.89 -6.23
C LYS B 20 -26.95 -13.52 -6.55
N GLN B 21 -27.18 -12.70 -5.54
CA GLN B 21 -27.80 -11.40 -5.74
C GLN B 21 -26.86 -10.38 -6.37
N ASN B 22 -25.56 -10.47 -6.06
CA ASN B 22 -24.56 -9.50 -6.51
C ASN B 22 -23.54 -10.19 -7.40
N PRO B 23 -23.94 -10.63 -8.60
CA PRO B 23 -22.99 -11.29 -9.50
C PRO B 23 -21.86 -10.40 -9.97
N SER B 24 -21.96 -9.08 -9.78
CA SER B 24 -20.88 -8.17 -10.14
C SER B 24 -19.69 -8.30 -9.21
N PHE B 25 -19.79 -9.09 -8.14
CA PHE B 25 -18.70 -9.29 -7.18
C PHE B 25 -18.56 -10.78 -6.91
N PRO B 26 -18.06 -11.53 -7.89
CA PRO B 26 -17.90 -12.98 -7.69
C PRO B 26 -16.73 -13.29 -6.78
N ASN B 27 -16.86 -14.40 -6.04
CA ASN B 27 -15.81 -14.82 -5.13
C ASN B 27 -14.64 -15.50 -5.84
N PHE B 28 -14.71 -15.66 -7.16
CA PHE B 28 -13.60 -16.19 -7.95
C PHE B 28 -13.36 -15.25 -9.12
N VAL B 29 -12.23 -14.54 -9.09
CA VAL B 29 -11.89 -13.59 -10.14
C VAL B 29 -11.46 -14.27 -11.43
N ALA B 30 -11.26 -15.58 -11.41
CA ALA B 30 -10.83 -16.33 -12.59
C ALA B 30 -11.20 -17.79 -12.39
N PRO B 31 -11.19 -18.60 -13.45
CA PRO B 31 -11.58 -20.01 -13.32
C PRO B 31 -11.10 -20.69 -12.05
N ASN B 32 -9.82 -20.52 -11.71
CA ASN B 32 -9.23 -21.22 -10.58
C ASN B 32 -8.50 -20.24 -9.65
N LYS B 33 -8.92 -18.98 -9.63
CA LYS B 33 -8.29 -17.95 -8.80
C LYS B 33 -9.33 -17.33 -7.88
N PRO B 34 -9.37 -17.70 -6.60
CA PRO B 34 -10.34 -17.08 -5.69
C PRO B 34 -9.98 -15.63 -5.42
N ARG B 35 -11.00 -14.86 -5.04
CA ARG B 35 -10.76 -13.48 -4.62
C ARG B 35 -10.09 -13.48 -3.26
N VAL B 36 -8.96 -12.80 -3.17
CA VAL B 36 -8.12 -12.81 -1.97
C VAL B 36 -7.92 -11.39 -1.48
N LEU B 37 -7.97 -11.21 -0.16
CA LEU B 37 -7.66 -9.94 0.49
C LEU B 37 -6.51 -10.19 1.46
N LEU B 38 -5.37 -9.59 1.19
CA LEU B 38 -4.26 -9.63 2.15
C LEU B 38 -4.49 -8.58 3.23
N VAL B 39 -4.37 -8.99 4.48
CA VAL B 39 -4.64 -8.12 5.63
C VAL B 39 -3.38 -8.04 6.47
N THR B 40 -3.02 -6.82 6.86
CA THR B 40 -1.90 -6.58 7.76
C THR B 40 -2.25 -5.37 8.62
N GLY B 41 -1.28 -4.87 9.37
CA GLY B 41 -1.52 -3.71 10.20
C GLY B 41 -0.42 -3.53 11.24
N SER B 42 -0.65 -2.57 12.11
CA SER B 42 0.29 -2.23 13.17
C SER B 42 -0.39 -1.26 14.13
N ALA B 43 0.23 -1.06 15.28
CA ALA B 43 -0.35 -0.20 16.29
C ALA B 43 -0.50 1.23 15.76
N PRO B 44 -1.51 1.96 16.22
CA PRO B 44 -1.76 3.31 15.67
C PRO B 44 -0.79 4.38 16.15
N LYS B 45 0.07 4.09 17.11
CA LYS B 45 0.99 5.08 17.62
C LYS B 45 2.40 4.86 17.08
N PRO B 46 3.24 5.88 17.10
CA PRO B 46 4.62 5.70 16.60
C PRO B 46 5.35 4.61 17.37
N CYS B 47 6.34 4.02 16.72
CA CYS B 47 7.16 3.00 17.34
C CYS B 47 8.01 3.60 18.45
N GLU B 48 8.18 2.85 19.53
CA GLU B 48 8.96 3.34 20.67
C GLU B 48 10.37 3.70 20.24
N ASN B 49 10.98 2.88 19.37
CA ASN B 49 12.20 3.29 18.69
C ASN B 49 11.84 3.85 17.32
N PRO B 50 12.37 5.01 16.92
CA PRO B 50 11.79 5.69 15.75
C PRO B 50 11.97 4.93 14.45
N VAL B 51 13.14 4.33 14.21
CA VAL B 51 13.39 3.62 12.97
C VAL B 51 12.41 2.48 12.76
N GLY B 52 11.67 2.08 13.81
CA GLY B 52 10.67 1.05 13.64
C GLY B 52 9.64 1.41 12.57
N ASP B 53 9.23 2.68 12.53
CA ASP B 53 8.27 3.12 11.53
C ASP B 53 8.85 3.00 10.12
N HIS B 54 10.14 3.28 9.97
CA HIS B 54 10.77 3.17 8.65
C HIS B 54 10.70 1.74 8.13
N TYR B 55 10.85 0.75 9.01
CA TYR B 55 10.82 -0.64 8.57
C TYR B 55 9.39 -1.13 8.36
N LEU B 56 8.41 -0.53 9.05
CA LEU B 56 7.02 -0.77 8.68
C LEU B 56 6.71 -0.22 7.31
N LEU B 57 7.30 0.95 6.97
CA LEU B 57 7.07 1.56 5.67
C LEU B 57 7.65 0.69 4.56
N LYS B 58 8.91 0.28 4.69
CA LYS B 58 9.49 -0.63 3.71
C LYS B 58 8.68 -1.92 3.63
N SER B 59 8.14 -2.38 4.76
CA SER B 59 7.38 -3.62 4.76
C SER B 59 6.10 -3.48 3.95
N ILE B 60 5.39 -2.36 4.08
CA ILE B 60 4.12 -2.22 3.37
C ILE B 60 4.36 -2.00 1.88
N LYS B 61 5.41 -1.26 1.52
CA LYS B 61 5.77 -1.15 0.12
C LYS B 61 6.02 -2.53 -0.48
N ASN B 62 6.76 -3.37 0.25
CA ASN B 62 7.04 -4.72 -0.23
C ASN B 62 5.74 -5.48 -0.50
N LYS B 63 4.77 -5.38 0.40
CA LYS B 63 3.49 -6.06 0.19
C LYS B 63 2.70 -5.41 -0.94
N ILE B 64 2.84 -4.10 -1.14
CA ILE B 64 2.18 -3.44 -2.26
C ILE B 64 2.66 -4.01 -3.58
N ASP B 65 3.98 -4.17 -3.72
CA ASP B 65 4.55 -4.66 -4.97
C ASP B 65 4.08 -6.08 -5.28
N TYR B 66 4.17 -6.98 -4.30
CA TYR B 66 3.73 -8.35 -4.53
C TYR B 66 2.24 -8.40 -4.88
N CYS B 67 1.44 -7.64 -4.16
CA CYS B 67 -0.01 -7.69 -4.36
C CYS B 67 -0.43 -7.05 -5.67
N ARG B 68 0.27 -6.00 -6.11
CA ARG B 68 -0.02 -5.41 -7.41
C ARG B 68 0.29 -6.40 -8.52
N ILE B 69 1.40 -7.14 -8.38
CA ILE B 69 1.78 -8.10 -9.41
C ILE B 69 0.82 -9.28 -9.45
N HIS B 70 0.35 -9.73 -8.29
CA HIS B 70 -0.49 -10.91 -8.21
C HIS B 70 -1.98 -10.58 -8.06
N GLY B 71 -2.36 -9.32 -8.21
CA GLY B 71 -3.76 -8.94 -8.26
C GLY B 71 -4.56 -9.30 -7.02
N ILE B 72 -4.06 -8.92 -5.85
CA ILE B 72 -4.78 -9.10 -4.60
C ILE B 72 -4.81 -7.77 -3.87
N GLU B 73 -5.95 -7.48 -3.25
CA GLU B 73 -6.13 -6.19 -2.59
C GLU B 73 -5.58 -6.23 -1.17
N ILE B 74 -5.19 -5.05 -0.67
CA ILE B 74 -4.55 -4.91 0.63
C ILE B 74 -5.47 -4.12 1.55
N PHE B 75 -5.50 -4.51 2.82
CA PHE B 75 -6.13 -3.72 3.87
C PHE B 75 -5.12 -3.59 5.00
N TYR B 76 -4.82 -2.35 5.39
CA TYR B 76 -3.85 -2.05 6.44
C TYR B 76 -4.60 -1.50 7.64
N ASN B 77 -4.70 -2.30 8.70
CA ASN B 77 -5.44 -1.90 9.89
C ASN B 77 -4.54 -1.14 10.86
N MET B 78 -5.06 -0.04 11.38
CA MET B 78 -4.37 0.76 12.39
C MET B 78 -5.31 1.10 13.54
N ALA B 79 -6.24 0.21 13.85
CA ALA B 79 -7.23 0.46 14.89
C ALA B 79 -7.44 -0.80 15.72
N LEU B 80 -7.74 -0.60 17.00
CA LEU B 80 -8.06 -1.69 17.91
C LEU B 80 -9.57 -1.74 18.06
N LEU B 81 -10.20 -2.76 17.48
CA LEU B 81 -11.65 -2.89 17.51
C LEU B 81 -12.15 -3.43 18.84
N ASP B 82 -11.31 -4.14 19.59
CA ASP B 82 -11.71 -4.75 20.86
C ASP B 82 -10.58 -4.53 21.85
N ALA B 83 -10.84 -3.72 22.88
CA ALA B 83 -9.79 -3.35 23.83
C ALA B 83 -9.19 -4.56 24.52
N GLU B 84 -9.95 -5.64 24.65
CA GLU B 84 -9.48 -6.84 25.35
C GLU B 84 -8.61 -7.73 24.48
N MET B 85 -8.62 -7.54 23.16
CA MET B 85 -7.82 -8.35 22.25
C MET B 85 -6.71 -7.48 21.65
N ALA B 86 -5.73 -7.14 22.48
CA ALA B 86 -4.62 -6.31 22.06
C ALA B 86 -3.46 -7.17 21.58
N GLY B 87 -2.49 -6.51 20.96
CA GLY B 87 -1.32 -7.21 20.46
C GLY B 87 -1.66 -8.18 19.35
N PHE B 88 -0.92 -9.30 19.32
CA PHE B 88 -1.14 -10.30 18.28
C PHE B 88 -2.56 -10.83 18.27
N TRP B 89 -3.30 -10.68 19.36
CA TRP B 89 -4.69 -11.13 19.40
C TRP B 89 -5.64 -10.19 18.67
N ALA B 90 -5.19 -8.99 18.33
CA ALA B 90 -6.08 -8.00 17.70
C ALA B 90 -6.54 -8.43 16.32
N LYS B 91 -5.86 -9.37 15.67
CA LYS B 91 -6.22 -9.74 14.31
C LYS B 91 -7.45 -10.64 14.26
N LEU B 92 -7.92 -11.17 15.39
CA LEU B 92 -9.10 -12.03 15.37
C LEU B 92 -10.36 -11.19 15.20
N PRO B 93 -10.58 -10.16 16.02
CA PRO B 93 -11.72 -9.26 15.74
C PRO B 93 -11.66 -8.63 14.37
N LEU B 94 -10.46 -8.26 13.91
CA LEU B 94 -10.32 -7.66 12.59
C LEU B 94 -10.72 -8.65 11.50
N ILE B 95 -10.21 -9.88 11.57
CA ILE B 95 -10.49 -10.86 10.53
C ILE B 95 -11.99 -11.14 10.46
N ARG B 96 -12.63 -11.33 11.60
CA ARG B 96 -14.07 -11.59 11.61
C ARG B 96 -14.84 -10.44 10.97
N LYS B 97 -14.48 -9.19 11.31
CA LYS B 97 -15.20 -8.04 10.77
C LYS B 97 -15.04 -7.96 9.26
N LEU B 98 -13.85 -8.26 8.74
CA LEU B 98 -13.63 -8.18 7.30
C LEU B 98 -14.35 -9.31 6.56
N LEU B 99 -14.38 -10.51 7.15
CA LEU B 99 -15.09 -11.61 6.54
C LEU B 99 -16.58 -11.29 6.40
N LEU B 100 -17.20 -10.78 7.46
CA LEU B 100 -18.62 -10.48 7.43
C LEU B 100 -18.91 -9.24 6.59
N SER B 101 -17.95 -8.31 6.51
CA SER B 101 -18.16 -7.09 5.73
C SER B 101 -17.92 -7.29 4.24
N HIS B 102 -17.12 -8.29 3.86
CA HIS B 102 -16.79 -8.55 2.46
C HIS B 102 -17.12 -10.00 2.14
N PRO B 103 -18.38 -10.31 1.85
CA PRO B 103 -18.73 -11.69 1.45
C PRO B 103 -18.16 -12.09 0.10
N GLU B 104 -17.77 -11.11 -0.73
CA GLU B 104 -17.16 -11.44 -2.01
C GLU B 104 -15.78 -12.05 -1.84
N ILE B 105 -15.16 -11.89 -0.67
CA ILE B 105 -13.83 -12.45 -0.42
C ILE B 105 -13.96 -13.95 -0.16
N GLU B 106 -13.16 -14.74 -0.86
CA GLU B 106 -13.13 -16.18 -0.63
C GLU B 106 -12.04 -16.57 0.36
N PHE B 107 -10.86 -15.94 0.25
CA PHE B 107 -9.75 -16.19 1.17
C PHE B 107 -9.27 -14.87 1.75
N LEU B 108 -9.02 -14.87 3.06
CA LEU B 108 -8.36 -13.75 3.73
C LEU B 108 -6.95 -14.18 4.09
N TRP B 109 -5.97 -13.40 3.66
CA TRP B 109 -4.55 -13.72 3.84
C TRP B 109 -3.96 -12.73 4.85
N TRP B 110 -3.90 -13.14 6.11
CA TRP B 110 -3.25 -12.33 7.13
C TRP B 110 -1.74 -12.45 7.00
N MET B 111 -1.04 -11.34 7.17
CA MET B 111 0.41 -11.33 7.10
C MET B 111 0.95 -10.29 8.08
N ASP B 112 1.79 -10.73 9.01
CA ASP B 112 2.39 -9.83 9.98
C ASP B 112 3.14 -8.70 9.29
N SER B 113 3.31 -7.59 10.02
CA SER B 113 4.10 -6.48 9.54
C SER B 113 5.59 -6.79 9.51
N ASP B 114 6.04 -7.79 10.27
CA ASP B 114 7.43 -8.21 10.27
C ASP B 114 7.70 -9.32 9.25
N ALA B 115 6.71 -9.68 8.44
CA ALA B 115 6.89 -10.64 7.36
C ALA B 115 6.95 -9.90 6.03
N MET B 116 7.80 -10.39 5.13
CA MET B 116 8.10 -9.70 3.89
C MET B 116 8.17 -10.71 2.75
N PHE B 117 7.67 -10.32 1.58
CA PHE B 117 7.72 -11.18 0.41
C PHE B 117 9.13 -11.16 -0.19
N THR B 118 9.76 -12.34 -0.26
CA THR B 118 11.08 -12.46 -0.86
C THR B 118 11.05 -13.24 -2.18
N ASP B 119 9.89 -13.76 -2.59
CA ASP B 119 9.71 -14.33 -3.92
C ASP B 119 8.53 -13.62 -4.58
N MET B 120 8.82 -12.76 -5.55
CA MET B 120 7.78 -12.00 -6.21
C MET B 120 7.12 -12.75 -7.35
N VAL B 121 7.72 -13.83 -7.82
CA VAL B 121 7.13 -14.63 -8.90
C VAL B 121 6.13 -15.64 -8.36
N PHE B 122 6.44 -16.26 -7.22
CA PHE B 122 5.68 -17.40 -6.74
C PHE B 122 4.23 -17.03 -6.49
N GLU B 123 3.32 -17.78 -7.11
CA GLU B 123 1.89 -17.69 -6.89
C GLU B 123 1.43 -18.88 -6.06
N LEU B 124 0.51 -18.63 -5.12
CA LEU B 124 0.07 -19.69 -4.23
C LEU B 124 -0.72 -20.75 -5.02
N PRO B 125 -0.53 -22.04 -4.69
CA PRO B 125 -1.28 -23.11 -5.39
C PRO B 125 -2.72 -23.22 -4.88
N TRP B 126 -3.57 -22.34 -5.38
CA TRP B 126 -4.92 -22.21 -4.84
C TRP B 126 -5.68 -23.54 -4.94
N GLU B 127 -5.56 -24.24 -6.06
CA GLU B 127 -6.31 -25.48 -6.24
C GLU B 127 -5.91 -26.52 -5.20
N ARG B 128 -4.69 -26.46 -4.69
CA ARG B 128 -4.26 -27.38 -3.63
C ARG B 128 -5.10 -27.23 -2.37
N TYR B 129 -5.75 -26.08 -2.19
CA TYR B 129 -6.50 -25.79 -0.97
C TYR B 129 -8.01 -25.76 -1.18
N LYS B 130 -8.49 -26.26 -2.33
CA LYS B 130 -9.90 -26.11 -2.66
C LYS B 130 -10.82 -26.84 -1.68
N ASP B 131 -10.30 -27.81 -0.92
CA ASP B 131 -11.10 -28.57 0.04
C ASP B 131 -10.75 -28.23 1.49
N TYR B 132 -10.01 -27.15 1.72
CA TYR B 132 -9.61 -26.76 3.06
C TYR B 132 -10.03 -25.33 3.34
N ASN B 133 -10.05 -24.96 4.62
CA ASN B 133 -10.51 -23.66 5.05
C ASN B 133 -9.46 -22.86 5.82
N LEU B 134 -8.37 -23.49 6.26
CA LEU B 134 -7.30 -22.79 6.97
C LEU B 134 -5.98 -23.37 6.52
N VAL B 135 -5.08 -22.51 6.03
CA VAL B 135 -3.76 -22.92 5.54
C VAL B 135 -2.72 -22.16 6.33
N MET B 136 -1.81 -22.91 6.97
CA MET B 136 -0.72 -22.34 7.74
C MET B 136 0.55 -23.12 7.46
N HIS B 137 1.68 -22.44 7.56
CA HIS B 137 2.96 -23.14 7.45
C HIS B 137 3.21 -23.92 8.74
N GLY B 138 3.53 -25.19 8.60
CA GLY B 138 3.78 -26.03 9.75
C GLY B 138 3.85 -27.50 9.35
N TRP B 139 3.92 -28.36 10.36
CA TRP B 139 4.04 -29.79 10.17
C TRP B 139 3.04 -30.52 11.07
N ASN B 140 2.40 -31.55 10.52
CA ASN B 140 1.42 -32.31 11.30
C ASN B 140 2.07 -32.95 12.52
N GLU B 141 3.23 -33.59 12.31
CA GLU B 141 3.89 -34.27 13.42
C GLU B 141 4.22 -33.30 14.55
N MET B 142 4.63 -32.08 14.20
CA MET B 142 4.97 -31.10 15.23
C MET B 142 3.74 -30.64 15.99
N VAL B 143 2.60 -30.52 15.30
CA VAL B 143 1.39 -30.00 15.93
C VAL B 143 0.68 -31.09 16.72
N TYR B 144 0.23 -32.15 16.03
CA TYR B 144 -0.65 -33.12 16.64
C TYR B 144 0.10 -34.15 17.49
N ASP B 145 1.32 -34.51 17.10
CA ASP B 145 2.09 -35.52 17.84
C ASP B 145 2.94 -34.88 18.94
N GLN B 146 3.89 -34.03 18.55
CA GLN B 146 4.80 -33.42 19.52
C GLN B 146 4.16 -32.28 20.30
N LYS B 147 3.09 -31.69 19.79
CA LYS B 147 2.47 -30.52 20.42
C LYS B 147 3.51 -29.43 20.65
N ASN B 148 4.35 -29.20 19.64
CA ASN B 148 5.39 -28.19 19.73
C ASN B 148 4.79 -26.82 19.40
N TRP B 149 5.12 -25.81 20.23
CA TRP B 149 4.48 -24.51 20.10
C TRP B 149 4.86 -23.80 18.81
N ILE B 150 5.93 -24.23 18.14
CA ILE B 150 6.28 -23.69 16.83
C ILE B 150 6.00 -24.70 15.72
N GLY B 151 5.10 -25.66 15.97
CA GLY B 151 4.69 -26.57 14.92
C GLY B 151 3.97 -25.91 13.77
N LEU B 152 3.50 -24.67 13.97
CA LEU B 152 2.87 -23.90 12.92
C LEU B 152 3.13 -22.42 13.20
N ASN B 153 2.76 -21.58 12.24
CA ASN B 153 2.95 -20.15 12.34
C ASN B 153 1.68 -19.41 11.94
N THR B 154 1.32 -18.41 12.75
CA THR B 154 0.12 -17.61 12.51
C THR B 154 0.43 -16.23 11.99
N GLY B 155 1.68 -15.96 11.59
CA GLY B 155 2.04 -14.69 10.99
C GLY B 155 1.78 -14.60 9.51
N SER B 156 1.39 -15.70 8.87
CA SER B 156 1.06 -15.70 7.45
C SER B 156 0.19 -16.92 7.19
N PHE B 157 -1.11 -16.70 7.04
CA PHE B 157 -2.04 -17.80 6.86
C PHE B 157 -3.25 -17.35 6.05
N LEU B 158 -3.91 -18.34 5.45
CA LEU B 158 -5.13 -18.13 4.69
C LEU B 158 -6.32 -18.67 5.47
N LEU B 159 -7.42 -17.92 5.46
CA LEU B 159 -8.65 -18.31 6.14
C LEU B 159 -9.81 -18.13 5.18
N ARG B 160 -10.52 -19.21 4.89
CA ARG B 160 -11.64 -19.15 3.96
C ARG B 160 -12.84 -18.48 4.62
N ASN B 161 -13.58 -17.72 3.83
CA ASN B 161 -14.78 -17.03 4.31
C ASN B 161 -15.93 -18.03 4.33
N SER B 162 -16.21 -18.60 5.50
CA SER B 162 -17.18 -19.67 5.62
C SER B 162 -17.64 -19.76 7.07
N GLN B 163 -18.73 -20.51 7.27
CA GLN B 163 -19.20 -20.76 8.63
C GLN B 163 -18.14 -21.48 9.46
N TRP B 164 -17.41 -22.41 8.83
CA TRP B 164 -16.37 -23.13 9.53
C TRP B 164 -15.35 -22.17 10.15
N SER B 165 -15.03 -21.07 9.45
CA SER B 165 -14.04 -20.14 9.95
C SER B 165 -14.57 -19.31 11.11
N LEU B 166 -15.82 -18.85 11.00
CA LEU B 166 -16.42 -18.11 12.11
C LEU B 166 -16.39 -18.93 13.40
N ASP B 167 -16.71 -20.21 13.32
CA ASP B 167 -16.64 -21.07 14.49
C ASP B 167 -15.20 -21.28 14.94
N LEU B 168 -14.30 -21.48 13.98
CA LEU B 168 -12.88 -21.58 14.32
C LEU B 168 -12.42 -20.35 15.09
N LEU B 169 -12.81 -19.16 14.63
CA LEU B 169 -12.45 -17.93 15.33
C LEU B 169 -12.97 -17.94 16.76
N ASP B 170 -14.20 -18.44 16.97
CA ASP B 170 -14.77 -18.48 18.31
C ASP B 170 -14.00 -19.45 19.21
N ALA B 171 -13.55 -20.58 18.67
CA ALA B 171 -12.80 -21.55 19.45
C ALA B 171 -11.35 -21.14 19.68
N TRP B 172 -10.90 -20.06 19.03
CA TRP B 172 -9.51 -19.61 19.10
C TRP B 172 -9.31 -18.43 20.05
N ALA B 173 -10.34 -17.62 20.27
CA ALA B 173 -10.22 -16.36 21.00
C ALA B 173 -10.24 -16.48 22.52
N PRO B 174 -10.77 -17.55 23.12
CA PRO B 174 -10.92 -17.56 24.59
C PRO B 174 -9.65 -17.21 25.37
N MET B 175 -8.47 -17.57 24.87
CA MET B 175 -7.23 -17.28 25.59
C MET B 175 -6.69 -15.89 25.32
N GLY B 176 -7.44 -15.06 24.59
CA GLY B 176 -6.95 -13.77 24.15
C GLY B 176 -7.14 -12.62 25.12
N PRO B 177 -8.33 -12.52 25.76
CA PRO B 177 -8.61 -11.35 26.61
C PRO B 177 -7.45 -10.98 27.54
N LYS B 178 -7.00 -9.73 27.44
CA LYS B 178 -5.88 -9.25 28.23
C LYS B 178 -6.13 -9.47 29.71
N GLY B 179 -5.04 -9.61 30.47
CA GLY B 179 -5.13 -9.72 31.92
C GLY B 179 -5.01 -11.14 32.43
N LYS B 180 -5.75 -11.43 33.50
CA LYS B 180 -5.66 -12.75 34.13
C LYS B 180 -5.98 -13.86 33.14
N ILE B 181 -6.95 -13.63 32.25
CA ILE B 181 -7.34 -14.66 31.28
C ILE B 181 -6.13 -15.07 30.45
N ARG B 182 -5.44 -14.10 29.87
CA ARG B 182 -4.31 -14.41 29.00
C ARG B 182 -3.13 -14.94 29.80
N GLU B 183 -2.91 -14.39 31.01
CA GLU B 183 -1.80 -14.85 31.85
C GLU B 183 -2.00 -16.30 32.26
N GLU B 184 -3.15 -16.61 32.89
CA GLU B 184 -3.43 -17.97 33.29
C GLU B 184 -3.40 -18.92 32.10
N ALA B 185 -3.85 -18.46 30.93
CA ALA B 185 -3.81 -19.31 29.74
C ALA B 185 -2.37 -19.64 29.35
N GLY B 186 -1.46 -18.66 29.47
CA GLY B 186 -0.07 -18.93 29.18
C GLY B 186 0.51 -20.05 30.02
N LYS B 187 0.15 -20.09 31.31
CA LYS B 187 0.61 -21.17 32.18
C LYS B 187 0.17 -22.52 31.65
N VAL B 188 -1.06 -22.60 31.11
CA VAL B 188 -1.55 -23.85 30.55
C VAL B 188 -0.74 -24.22 29.30
N LEU B 189 -0.54 -23.24 28.41
CA LEU B 189 0.16 -23.53 27.16
C LEU B 189 1.61 -23.93 27.41
N THR B 190 2.29 -23.25 28.32
CA THR B 190 3.66 -23.62 28.64
C THR B 190 3.73 -25.02 29.25
N ARG B 191 2.66 -25.45 29.93
CA ARG B 191 2.66 -26.74 30.59
C ARG B 191 2.27 -27.87 29.64
N GLU B 192 1.35 -27.59 28.71
CA GLU B 192 0.86 -28.63 27.81
C GLU B 192 1.62 -28.70 26.49
N LEU B 193 2.35 -27.65 26.12
CA LEU B 193 3.07 -27.59 24.86
C LEU B 193 4.56 -27.77 25.10
N LYS B 194 5.23 -28.32 24.09
CA LYS B 194 6.65 -28.62 24.17
C LYS B 194 7.49 -27.44 23.71
N ASP B 195 8.57 -27.18 24.42
CA ASP B 195 9.54 -26.12 24.14
C ASP B 195 8.99 -24.71 24.32
N ARG B 196 7.74 -24.56 24.77
CA ARG B 196 7.18 -23.22 24.91
C ARG B 196 7.77 -22.55 26.15
N PRO B 197 8.34 -21.34 26.02
CA PRO B 197 8.77 -20.61 27.22
C PRO B 197 7.58 -20.15 28.06
N ALA B 198 7.85 -19.49 29.17
CA ALA B 198 6.81 -19.06 30.10
C ALA B 198 6.46 -17.59 29.81
N PHE B 199 5.25 -17.37 29.32
CA PHE B 199 4.76 -16.03 29.08
C PHE B 199 3.28 -16.12 28.75
N GLU B 200 2.63 -14.96 28.66
CA GLU B 200 1.20 -14.89 28.42
C GLU B 200 0.85 -15.64 27.12
N ALA B 201 -0.41 -16.07 27.05
CA ALA B 201 -0.87 -16.85 25.91
C ALA B 201 -0.82 -16.02 24.64
N ASP B 202 -0.25 -16.59 23.60
CA ASP B 202 -0.22 -15.97 22.28
C ASP B 202 -1.12 -16.73 21.32
N ASP B 203 -1.45 -16.08 20.21
CA ASP B 203 -2.39 -16.67 19.25
C ASP B 203 -1.81 -17.92 18.58
N GLN B 204 -0.50 -17.96 18.36
CA GLN B 204 0.11 -19.12 17.71
C GLN B 204 0.03 -20.34 18.62
N SER B 205 0.40 -20.19 19.89
CA SER B 205 0.35 -21.31 20.83
C SER B 205 -1.09 -21.80 21.00
N ALA B 206 -2.05 -20.87 21.04
CA ALA B 206 -3.45 -21.26 21.21
C ALA B 206 -3.92 -22.10 20.03
N MET B 207 -3.44 -21.79 18.82
CA MET B 207 -3.82 -22.59 17.65
C MET B 207 -3.27 -24.01 17.74
N VAL B 208 -2.01 -24.15 18.14
CA VAL B 208 -1.44 -25.48 18.34
C VAL B 208 -2.26 -26.26 19.36
N TYR B 209 -2.53 -25.63 20.51
CA TYR B 209 -3.28 -26.31 21.57
C TYR B 209 -4.66 -26.72 21.07
N LEU B 210 -5.39 -25.80 20.43
CA LEU B 210 -6.72 -26.12 19.93
C LEU B 210 -6.68 -27.29 18.96
N LEU B 211 -5.77 -27.24 17.98
CA LEU B 211 -5.72 -28.30 16.98
C LEU B 211 -5.24 -29.61 17.57
N ALA B 212 -4.32 -29.57 18.54
CA ALA B 212 -3.81 -30.80 19.13
C ALA B 212 -4.86 -31.50 19.98
N THR B 213 -5.75 -30.73 20.62
CA THR B 213 -6.76 -31.31 21.49
C THR B 213 -8.11 -31.52 20.80
N GLU B 214 -8.39 -30.83 19.71
CA GLU B 214 -9.65 -30.96 18.97
C GLU B 214 -9.38 -31.25 17.51
N ARG B 215 -8.52 -32.23 17.25
CA ARG B 215 -8.14 -32.55 15.88
C ARG B 215 -9.31 -33.10 15.09
N GLU B 216 -10.09 -34.00 15.69
CA GLU B 216 -11.25 -34.55 15.00
C GLU B 216 -12.19 -33.47 14.49
N LYS B 217 -12.26 -32.34 15.20
CA LYS B 217 -13.21 -31.30 14.86
C LYS B 217 -12.69 -30.37 13.77
N TRP B 218 -11.40 -30.04 13.81
CA TRP B 218 -10.81 -29.03 12.94
C TRP B 218 -9.82 -29.57 11.92
N GLY B 219 -9.08 -30.61 12.27
CA GLY B 219 -7.97 -31.04 11.43
C GLY B 219 -8.36 -31.36 10.01
N GLY B 220 -9.60 -31.83 9.80
CA GLY B 220 -10.02 -32.22 8.47
C GLY B 220 -9.96 -31.10 7.45
N LYS B 221 -10.15 -29.86 7.88
CA LYS B 221 -10.16 -28.71 7.00
C LYS B 221 -8.93 -27.83 7.14
N VAL B 222 -7.97 -28.21 7.98
CA VAL B 222 -6.73 -27.46 8.16
C VAL B 222 -5.65 -28.10 7.30
N TYR B 223 -4.94 -27.26 6.54
CA TYR B 223 -3.82 -27.71 5.71
C TYR B 223 -2.54 -27.11 6.26
N LEU B 224 -1.66 -27.96 6.79
CA LEU B 224 -0.36 -27.53 7.28
C LEU B 224 0.64 -27.64 6.14
N GLU B 225 1.06 -26.50 5.62
CA GLU B 225 1.89 -26.44 4.43
C GLU B 225 3.37 -26.37 4.81
N SER B 226 4.17 -27.26 4.22
CA SER B 226 5.61 -27.21 4.40
C SER B 226 6.37 -27.42 3.09
N GLY B 227 5.70 -27.26 1.95
CA GLY B 227 6.35 -27.42 0.66
C GLY B 227 7.00 -26.14 0.18
N TYR B 228 6.49 -25.00 0.66
CA TYR B 228 7.09 -23.71 0.39
C TYR B 228 6.95 -22.85 1.65
N TYR B 229 7.72 -21.75 1.68
CA TYR B 229 7.78 -20.91 2.87
C TYR B 229 6.66 -19.86 2.84
N LEU B 230 5.42 -20.34 2.99
CA LEU B 230 4.32 -19.44 3.30
C LEU B 230 4.67 -18.58 4.50
N HIS B 231 5.36 -19.18 5.48
CA HIS B 231 6.11 -18.47 6.49
C HIS B 231 7.54 -18.99 6.45
N GLY B 232 8.50 -18.07 6.59
CA GLY B 232 9.90 -18.45 6.56
C GLY B 232 10.69 -17.81 7.68
N TYR B 233 11.21 -18.63 8.60
CA TYR B 233 11.97 -18.11 9.72
C TYR B 233 13.26 -17.47 9.23
N TRP B 234 13.43 -16.19 9.56
CA TRP B 234 14.56 -15.43 9.02
C TRP B 234 15.90 -15.98 9.50
N GLY B 235 15.94 -16.57 10.69
CA GLY B 235 17.20 -16.96 11.30
C GLY B 235 17.99 -17.98 10.50
N ILE B 236 17.35 -18.68 9.57
CA ILE B 236 18.01 -19.70 8.76
C ILE B 236 17.99 -19.37 7.28
N LEU B 237 17.41 -18.24 6.88
CA LEU B 237 17.24 -17.90 5.46
C LEU B 237 18.10 -16.72 5.02
N VAL B 238 18.16 -15.64 5.80
CA VAL B 238 18.75 -14.40 5.32
C VAL B 238 20.22 -14.61 4.94
N ASP B 239 20.93 -15.46 5.69
CA ASP B 239 22.34 -15.68 5.41
C ASP B 239 22.58 -16.35 4.07
N ARG B 240 21.57 -17.01 3.51
CA ARG B 240 21.74 -17.79 2.28
C ARG B 240 21.27 -17.06 1.04
N TYR B 241 20.96 -15.76 1.14
CA TYR B 241 20.47 -15.02 -0.03
C TYR B 241 21.48 -15.04 -1.17
N GLU B 242 22.78 -14.89 -0.85
CA GLU B 242 23.79 -14.93 -1.90
C GLU B 242 23.80 -16.27 -2.61
N GLU B 243 23.76 -17.37 -1.85
CA GLU B 243 23.69 -18.69 -2.45
C GLU B 243 22.48 -18.81 -3.37
N MET B 244 21.34 -18.27 -2.95
CA MET B 244 20.13 -18.36 -3.77
C MET B 244 20.30 -17.58 -5.07
N ILE B 245 20.89 -16.39 -5.00
CA ILE B 245 21.10 -15.60 -6.21
C ILE B 245 22.07 -16.30 -7.15
N GLU B 246 23.00 -17.08 -6.61
CA GLU B 246 24.01 -17.72 -7.44
C GLU B 246 23.49 -18.99 -8.10
N ASN B 247 22.77 -19.82 -7.35
CA ASN B 247 22.40 -21.14 -7.83
C ASN B 247 20.97 -21.23 -8.35
N HIS B 248 20.07 -20.35 -7.91
CA HIS B 248 18.65 -20.51 -8.21
C HIS B 248 18.03 -19.23 -8.77
N LYS B 249 16.71 -19.23 -8.90
CA LYS B 249 15.98 -18.12 -9.47
C LYS B 249 14.63 -18.02 -8.76
N PRO B 250 13.98 -16.86 -8.82
CA PRO B 250 12.67 -16.73 -8.17
C PRO B 250 11.63 -17.64 -8.84
N GLY B 251 10.66 -18.07 -8.03
CA GLY B 251 9.58 -18.90 -8.53
C GLY B 251 9.42 -20.18 -7.74
N PHE B 252 10.47 -20.58 -7.01
CA PHE B 252 10.40 -21.82 -6.24
C PHE B 252 9.59 -21.63 -4.96
N GLY B 253 9.84 -20.54 -4.23
CA GLY B 253 9.13 -20.25 -3.01
C GLY B 253 9.58 -21.02 -1.79
N ASP B 254 10.51 -21.96 -1.94
CA ASP B 254 10.94 -22.84 -0.85
C ASP B 254 12.38 -22.50 -0.45
N HIS B 255 13.12 -23.50 0.03
CA HIS B 255 14.48 -23.28 0.49
C HIS B 255 15.37 -22.69 -0.60
N ARG B 256 14.99 -22.83 -1.87
CA ARG B 256 15.77 -22.27 -2.96
C ARG B 256 15.50 -20.79 -3.18
N TRP B 257 14.34 -20.30 -2.75
CA TRP B 257 13.95 -18.90 -2.93
C TRP B 257 12.67 -18.67 -2.12
N PRO B 258 12.78 -18.35 -0.83
CA PRO B 258 11.58 -18.37 0.03
C PRO B 258 10.55 -17.33 -0.38
N LEU B 259 9.29 -17.73 -0.32
CA LEU B 259 8.20 -16.80 -0.60
C LEU B 259 8.13 -15.69 0.45
N VAL B 260 8.23 -16.07 1.72
CA VAL B 260 8.14 -15.12 2.83
C VAL B 260 9.35 -15.29 3.73
N THR B 261 9.93 -14.18 4.14
CA THR B 261 10.94 -14.14 5.19
C THR B 261 10.31 -13.41 6.38
N HIS B 262 10.11 -14.13 7.47
CA HIS B 262 9.40 -13.62 8.64
C HIS B 262 10.40 -13.38 9.76
N PHE B 263 10.50 -12.13 10.21
CA PHE B 263 11.50 -11.74 11.20
C PHE B 263 10.95 -11.88 12.62
N VAL B 264 10.54 -13.11 12.93
CA VAL B 264 10.02 -13.42 14.27
C VAL B 264 11.08 -13.07 15.31
N GLY B 265 10.65 -12.35 16.34
CA GLY B 265 11.50 -12.03 17.47
C GLY B 265 12.31 -10.76 17.36
N CYS B 266 12.32 -10.12 16.19
CA CYS B 266 13.15 -8.93 16.02
C CYS B 266 12.49 -7.68 16.62
N LYS B 267 11.18 -7.53 16.43
CA LYS B 267 10.43 -6.42 17.01
C LYS B 267 11.09 -5.07 16.70
N PRO B 268 11.21 -4.70 15.42
CA PRO B 268 11.81 -3.40 15.09
C PRO B 268 11.00 -2.21 15.58
N CYS B 269 9.75 -2.41 15.99
CA CYS B 269 8.89 -1.32 16.45
C CYS B 269 8.91 -1.15 17.97
N GLY B 270 9.31 -2.18 18.72
CA GLY B 270 9.42 -2.08 20.16
C GLY B 270 10.81 -1.65 20.60
N LYS B 271 11.01 -1.59 21.91
CA LYS B 271 12.29 -1.12 22.41
C LYS B 271 13.33 -2.23 22.42
N PHE B 272 12.96 -3.46 22.75
CA PHE B 272 13.89 -4.58 22.75
C PHE B 272 13.29 -5.78 22.05
N GLY B 273 14.16 -6.58 21.44
CA GLY B 273 13.79 -7.83 20.81
C GLY B 273 14.62 -8.97 21.35
N ASP B 274 14.35 -10.16 20.82
CA ASP B 274 15.03 -11.37 21.25
C ASP B 274 16.39 -11.55 20.57
N TYR B 275 16.75 -10.70 19.62
CA TYR B 275 18.00 -10.81 18.88
C TYR B 275 18.71 -9.46 18.87
N PRO B 276 20.00 -9.46 18.54
CA PRO B 276 20.70 -8.17 18.37
C PRO B 276 19.98 -7.29 17.37
N VAL B 277 19.82 -6.01 17.73
CA VAL B 277 19.13 -5.07 16.86
C VAL B 277 19.91 -4.86 15.57
N GLU B 278 21.24 -4.86 15.66
CA GLU B 278 22.06 -4.63 14.47
C GLU B 278 21.82 -5.71 13.42
N ARG B 279 21.81 -6.98 13.85
CA ARG B 279 21.56 -8.06 12.90
C ARG B 279 20.15 -8.01 12.35
N CYS B 280 19.17 -7.73 13.22
CA CYS B 280 17.79 -7.67 12.77
C CYS B 280 17.62 -6.65 11.64
N LEU B 281 18.07 -5.41 11.88
CA LEU B 281 17.85 -4.35 10.90
C LEU B 281 18.66 -4.58 9.63
N ARG B 282 19.93 -4.94 9.76
CA ARG B 282 20.75 -5.19 8.59
C ARG B 282 20.18 -6.33 7.75
N GLN B 283 19.63 -7.36 8.41
CA GLN B 283 19.06 -8.49 7.67
C GLN B 283 17.65 -8.17 7.15
N MET B 284 16.95 -7.24 7.80
CA MET B 284 15.70 -6.75 7.22
C MET B 284 15.98 -5.91 5.99
N ASP B 285 17.05 -5.14 6.00
CA ASP B 285 17.48 -4.42 4.80
C ASP B 285 17.78 -5.39 3.67
N ARG B 286 18.49 -6.48 3.98
CA ARG B 286 18.85 -7.46 2.95
C ARG B 286 17.62 -8.15 2.38
N ALA B 287 16.68 -8.54 3.26
CA ALA B 287 15.46 -9.18 2.77
C ALA B 287 14.66 -8.23 1.88
N PHE B 288 14.56 -6.97 2.27
CA PHE B 288 13.81 -6.01 1.45
C PHE B 288 14.47 -5.84 0.08
N ASN B 289 15.80 -5.71 0.05
CA ASN B 289 16.50 -5.58 -1.23
C ASN B 289 16.45 -6.87 -2.04
N PHE B 290 16.45 -8.02 -1.36
CA PHE B 290 16.31 -9.29 -2.07
C PHE B 290 15.02 -9.34 -2.86
N GLY B 291 13.92 -8.88 -2.26
CA GLY B 291 12.65 -8.85 -2.95
C GLY B 291 12.54 -7.67 -3.90
N ASP B 292 13.13 -6.53 -3.52
CA ASP B 292 13.00 -5.34 -4.34
C ASP B 292 13.84 -5.43 -5.61
N ASN B 293 14.94 -6.19 -5.58
CA ASN B 293 15.70 -6.42 -6.81
C ASN B 293 14.84 -7.04 -7.89
N GLN B 294 13.85 -7.85 -7.49
CA GLN B 294 12.95 -8.47 -8.46
C GLN B 294 11.98 -7.46 -9.04
N ILE B 295 11.64 -6.40 -8.29
CA ILE B 295 10.79 -5.35 -8.82
C ILE B 295 11.58 -4.44 -9.74
N LEU B 296 12.70 -3.90 -9.25
CA LEU B 296 13.52 -3.00 -10.06
C LEU B 296 14.00 -3.69 -11.34
N GLN B 297 14.17 -5.02 -11.30
CA GLN B 297 14.63 -5.74 -12.48
C GLN B 297 13.71 -5.49 -13.67
N MET B 298 12.40 -5.43 -13.44
CA MET B 298 11.46 -5.13 -14.51
C MET B 298 11.79 -3.81 -15.19
N TYR B 299 12.37 -2.86 -14.46
CA TYR B 299 12.58 -1.51 -14.96
C TYR B 299 14.05 -1.21 -15.25
N GLY B 300 14.92 -2.22 -15.18
CA GLY B 300 16.30 -2.04 -15.57
C GLY B 300 17.21 -1.54 -14.47
N PHE B 301 16.89 -1.78 -13.21
CA PHE B 301 17.72 -1.36 -12.09
C PHE B 301 17.86 -2.52 -11.09
N THR B 302 18.86 -2.38 -10.23
CA THR B 302 19.08 -3.30 -9.13
C THR B 302 19.88 -2.58 -8.06
N HIS B 303 19.76 -3.07 -6.82
CA HIS B 303 20.54 -2.51 -5.73
C HIS B 303 22.01 -2.83 -5.92
N LYS B 304 22.86 -1.85 -5.63
CA LYS B 304 24.31 -2.03 -5.80
C LYS B 304 24.78 -3.30 -5.08
N SER B 305 24.35 -3.45 -3.82
CA SER B 305 24.56 -4.69 -3.08
C SER B 305 23.30 -4.98 -2.28
N LEU B 306 23.24 -6.18 -1.73
CA LEU B 306 22.06 -6.58 -0.98
C LEU B 306 21.83 -5.74 0.28
N GLY B 307 22.82 -4.97 0.71
CA GLY B 307 22.69 -4.16 1.90
C GLY B 307 22.82 -2.68 1.66
N SER B 308 22.64 -2.25 0.41
CA SER B 308 22.76 -0.85 0.03
C SER B 308 21.41 -0.30 -0.41
N ARG B 309 21.12 0.93 0.02
CA ARG B 309 19.91 1.62 -0.43
C ARG B 309 20.06 2.12 -1.87
N ARG B 310 21.29 2.25 -2.36
CA ARG B 310 21.53 2.80 -3.69
C ARG B 310 21.29 1.74 -4.76
N VAL B 311 20.95 2.19 -5.96
CA VAL B 311 20.66 1.31 -7.08
C VAL B 311 21.52 1.71 -8.27
N LYS B 312 21.60 0.81 -9.23
CA LYS B 312 22.40 1.00 -10.43
C LYS B 312 21.65 0.40 -11.61
N PRO B 313 21.91 0.88 -12.82
CA PRO B 313 21.27 0.26 -13.99
C PRO B 313 21.81 -1.14 -14.26
N THR B 314 20.96 -1.98 -14.81
CA THR B 314 21.34 -3.31 -15.27
C THR B 314 21.48 -3.39 -16.78
N ARG B 315 21.25 -2.29 -17.49
CA ARG B 315 21.31 -2.25 -18.95
C ARG B 315 21.16 -0.81 -19.40
N ASN B 316 21.72 -0.50 -20.56
CA ASN B 316 21.61 0.83 -21.12
C ASN B 316 20.16 1.15 -21.47
N GLN B 317 19.82 2.44 -21.41
CA GLN B 317 18.52 2.87 -21.87
C GLN B 317 18.43 2.73 -23.40
N THR B 318 17.21 2.75 -23.91
CA THR B 318 16.98 2.56 -25.34
C THR B 318 15.76 3.34 -25.76
N ASP B 319 15.72 3.68 -27.06
CA ASP B 319 14.54 4.27 -27.67
C ASP B 319 13.53 3.22 -28.12
N ARG B 320 13.75 1.95 -27.76
CA ARG B 320 12.85 0.85 -28.10
C ARG B 320 12.52 0.08 -26.83
N PRO B 321 11.81 0.72 -25.90
CA PRO B 321 11.56 0.08 -24.60
C PRO B 321 10.66 -1.15 -24.68
N LEU B 322 9.84 -1.28 -25.71
CA LEU B 322 8.91 -2.40 -25.81
C LEU B 322 9.57 -3.67 -26.35
N ASP B 323 10.80 -3.58 -26.85
CA ASP B 323 11.50 -4.77 -27.32
C ASP B 323 12.22 -5.50 -26.20
N ALA B 324 12.48 -4.83 -25.08
CA ALA B 324 13.20 -5.45 -23.98
C ALA B 324 12.50 -6.71 -23.51
N LYS B 325 13.28 -7.62 -22.92
CA LYS B 325 12.78 -8.89 -22.42
C LYS B 325 12.54 -8.77 -20.91
N ASP B 326 11.32 -9.08 -20.49
CA ASP B 326 10.99 -9.16 -19.07
C ASP B 326 11.29 -10.57 -18.60
N GLU B 327 12.39 -10.74 -17.86
CA GLU B 327 12.92 -12.07 -17.60
C GLU B 327 11.87 -12.98 -16.97
N PHE B 328 11.15 -12.48 -15.96
CA PHE B 328 10.20 -13.30 -15.22
C PHE B 328 8.76 -12.93 -15.51
N GLY B 329 8.51 -12.15 -16.55
CA GLY B 329 7.17 -11.81 -16.96
C GLY B 329 6.31 -11.23 -15.84
N LEU B 330 6.86 -10.27 -15.10
CA LEU B 330 6.13 -9.62 -14.02
C LEU B 330 5.59 -8.25 -14.40
N LEU B 331 6.04 -7.67 -15.52
CA LEU B 331 5.48 -6.40 -15.98
C LEU B 331 4.03 -6.57 -16.39
N HIS B 332 3.70 -7.67 -17.06
CA HIS B 332 2.34 -7.96 -17.50
C HIS B 332 2.04 -9.42 -17.23
N PRO B 333 1.90 -9.79 -15.96
CA PRO B 333 1.71 -11.19 -15.60
C PRO B 333 0.29 -11.65 -15.84
N PRO B 334 0.05 -12.96 -15.90
CA PRO B 334 -1.33 -13.44 -16.09
C PRO B 334 -2.23 -13.19 -14.89
N PHE B 335 -1.65 -12.93 -13.71
CA PHE B 335 -2.45 -12.67 -12.52
C PHE B 335 -3.26 -11.39 -12.64
N LYS B 336 -2.97 -10.55 -13.63
CA LYS B 336 -3.75 -9.35 -13.93
C LYS B 336 -4.45 -9.56 -15.27
N ALA B 337 -5.41 -10.48 -15.28
CA ALA B 337 -6.09 -10.89 -16.50
C ALA B 337 -6.87 -9.74 -17.13
C2 BGC C . -10.45 30.81 -4.19
C3 BGC C . -9.23 31.22 -3.45
C4 BGC C . -8.02 31.29 -4.33
C5 BGC C . -8.27 32.16 -5.55
C6 BGC C . -7.07 32.14 -6.46
C1 BGC C . -10.68 31.63 -5.45
O1 BGC C . -11.69 31.08 -6.16
O2 BGC C . -11.61 30.96 -3.32
O3 BGC C . -8.99 30.27 -2.39
O4 BGC C . -6.92 31.85 -3.57
O5 BGC C . -9.45 31.68 -6.31
O6 BGC C . -7.43 32.68 -7.69
H2 BGC C . -10.36 29.87 -4.44
H3 BGC C . -9.40 32.10 -3.06
H4 BGC C . -7.78 30.39 -4.61
H5 BGC C . -8.44 33.07 -5.26
H61 BGC C . -6.36 32.68 -6.06
H62 BGC C . -6.76 31.23 -6.57
H1 BGC C . -10.92 32.53 -5.20
HO1 BGC C . -11.54 31.18 -6.99
HO2 BGC C . -11.87 30.19 -3.05
HO3 BGC C . -8.69 29.55 -2.71
HO6 BGC C . -6.79 32.55 -8.25
C2 BGC C . -4.58 31.82 -3.13
C3 BGC C . -3.35 31.00 -3.10
C4 BGC C . -3.52 29.63 -2.52
C5 BGC C . -4.80 28.93 -3.01
C6 BGC C . -5.04 27.67 -2.20
C1 BGC C . -5.79 31.06 -3.67
O2 BGC C . -4.35 32.96 -3.97
O3 BGC C . -2.33 31.70 -2.32
O4 BGC C . -2.38 28.84 -2.92
O5 BGC C . -5.99 29.79 -2.91
O6 BGC C . -6.07 26.91 -2.82
H2 BGC C . -4.79 32.12 -2.22
H3 BGC C . -3.03 30.90 -4.02
H4 BGC C . -3.56 29.70 -1.55
H5 BGC C . -4.67 28.69 -3.94
H61 BGC C . -5.31 27.92 -1.30
H62 BGC C . -4.23 27.15 -2.16
H1 BGC C . -5.63 30.85 -4.60
HO2 BGC C . -3.52 33.11 -4.02
HO3 BGC C . -1.80 32.10 -2.84
HO6 BGC C . -6.67 27.43 -3.13
C2 BGC C . -0.82 27.19 -2.40
C3 BGC C . 0.16 26.66 -1.40
C4 BGC C . 0.90 27.74 -0.69
C5 BGC C . -0.08 28.73 -0.06
C6 BGC C . 0.67 29.82 0.66
C1 BGC C . -1.71 28.28 -1.84
O2 BGC C . -1.67 26.12 -2.84
O3 BGC C . 1.11 25.82 -2.10
O4 BGC C . 1.76 27.15 0.35
O5 BGC C . -0.96 29.33 -1.10
O6 BGC C . 1.65 30.37 -0.17
H2 BGC C . -0.34 27.55 -3.15
H3 BGC C . -0.31 26.12 -0.74
H4 BGC C . 1.45 28.22 -1.34
H5 BGC C . -0.63 28.24 0.57
H61 BGC C . 1.09 29.45 1.46
H62 BGC C . 0.05 30.52 0.94
H1 BGC C . -2.36 27.87 -1.24
HO2 BGC C . -1.59 26.02 -3.68
HO3 BGC C . 0.84 25.02 -2.10
HO6 BGC C . 1.49 31.20 -0.30
C2 BGC C . 4.00 26.76 1.05
C3 BGC C . 5.42 26.55 0.65
C4 BGC C . 5.56 25.51 -0.40
C5 BGC C . 4.67 25.85 -1.62
C6 BGC C . 4.74 24.83 -2.60
C1 BGC C . 3.12 27.07 -0.10
O2 BGC C . 3.94 27.86 2.02
O3 BGC C . 6.14 26.19 1.89
O4 BGC C . 6.92 25.37 -0.95
O5 BGC C . 3.20 26.03 -1.13
O6 BGC C . 4.46 23.56 -2.00
H2 BGC C . 3.68 25.94 1.47
H3 BGC C . 5.78 27.39 0.30
H4 BGC C . 5.27 24.66 -0.02
H5 BGC C . 4.98 26.69 -2.01
H61 BGC C . 4.08 25.01 -3.30
H62 BGC C . 5.62 24.82 -2.99
H1 BGC C . 3.39 27.92 -0.48
HO2 BGC C . 3.40 28.45 1.75
HO3 BGC C . 5.74 26.53 2.56
HO6 BGC C . 4.37 22.97 -2.61
C2 BGC C . 9.08 24.51 -0.55
C3 BGC C . 10.34 24.61 0.23
C4 BGC C . 10.81 26.00 0.45
C5 BGC C . 9.68 26.96 0.98
C6 BGC C . 10.12 28.31 0.91
C1 BGC C . 8.00 25.39 -0.03
O2 BGC C . 8.63 23.12 -0.49
O3 BGC C . 11.40 23.86 -0.51
O4 BGC C . 11.84 25.98 1.44
O5 BGC C . 8.42 26.79 0.11
O6 BGC C . 9.04 29.17 1.32
H2 BGC C . 9.27 24.75 -1.47
H3 BGC C . 10.20 24.19 1.09
H4 BGC C . 11.16 26.36 -0.38
H5 BGC C . 9.48 26.73 1.90
H61 BGC C . 10.38 28.52 0.01
H62 BGC C . 10.88 28.44 1.51
H1 BGC C . 7.69 25.06 0.83
HO2 BGC C . 8.96 22.69 -1.14
HO3 BGC C . 11.46 24.16 -1.30
HO6 BGC C . 9.23 29.97 1.12
C2 BGC C . 14.05 26.62 1.95
C3 BGC C . 15.50 26.50 1.60
C4 BGC C . 15.87 25.10 1.29
C5 BGC C . 15.00 24.51 0.21
C6 BGC C . 15.36 23.07 0.03
C1 BGC C . 13.15 26.00 0.90
O2 BGC C . 13.72 28.01 2.07
O3 BGC C . 16.28 26.97 2.73
O4 BGC C . 17.24 25.08 0.85
O5 BGC C . 13.55 24.62 0.54
O6 BGC C . 14.35 22.41 -0.68
H2 BGC C . 13.89 26.19 2.80
H3 BGC C . 15.69 27.06 0.83
H4 BGC C . 15.79 24.57 2.10
H5 BGC C . 15.16 24.98 -0.62
H61 BGC C . 15.47 22.66 0.90
H62 BGC C . 16.19 23.01 -0.47
H1 BGC C . 13.16 26.56 0.10
HO2 BGC C . 14.36 28.42 2.45
HO3 BGC C . 16.93 26.43 2.88
HO4 BGC C . 17.60 25.84 0.98
HO6 BGC C . 14.60 22.26 -1.48
MN MN D . 4.24 17.90 -0.95
N1 UDP E . 10.28 12.87 -2.76
C2 UDP E . 10.94 11.65 -3.29
N3 UDP E . 12.39 11.39 -2.93
C4 UDP E . 13.13 12.31 -2.09
C5 UDP E . 12.45 13.54 -1.57
C6 UDP E . 11.02 13.80 -1.92
O2 UDP E . 10.36 10.90 -3.96
O4 UDP E . 14.27 12.07 -1.83
C1' UDP E . 9.01 13.09 -3.08
C2' UDP E . 8.08 13.03 -1.86
O2' UDP E . 6.82 12.39 -2.24
C3' UDP E . 7.86 14.32 -1.55
C4' UDP E . 7.91 15.11 -2.98
O4' UDP E . 8.87 14.54 -3.67
O3' UDP E . 6.59 14.50 -0.95
C5' UDP E . 8.22 16.55 -2.74
O5' UDP E . 7.13 17.12 -2.10
PA UDP E . 7.31 18.04 -0.73
O1A UDP E . 8.61 17.74 -0.03
O2A UDP E . 6.15 17.74 0.18
O3A UDP E . 7.31 19.63 -1.16
PB UDP E . 6.11 20.63 -0.64
O1B UDP E . 6.29 22.01 -1.26
O2B UDP E . 4.79 20.01 -1.08
O3B UDP E . 6.19 20.73 0.88
HN3 UDP E . 12.78 10.68 -3.23
H5 UDP E . 12.91 14.14 -1.04
H6 UDP E . 10.61 14.56 -1.60
H1' UDP E . 8.72 12.44 -3.75
H2' UDP E . 8.50 12.57 -1.13
HO2' UDP E . 6.71 11.67 -1.80
H3' UDP E . 8.57 14.64 -0.96
H4' UDP E . 7.07 15.01 -3.43
HO3' UDP E . 6.66 15.00 -0.26
H5'1 UDP E . 8.38 17.00 -3.59
H5'2 UDP E . 9.01 16.62 -2.17
C1 GOL F . 6.85 21.86 -4.27
O1 GOL F . 8.03 22.58 -4.46
C2 GOL F . 6.74 20.86 -5.46
O2 GOL F . 7.75 19.90 -5.41
C3 GOL F . 5.32 20.20 -5.38
O3 GOL F . 4.55 20.89 -4.44
H11 GOL F . 6.84 21.37 -3.44
H12 GOL F . 6.08 22.43 -4.25
HO1 GOL F . 8.08 23.13 -3.82
H2 GOL F . 6.86 21.32 -6.31
HO2 GOL F . 8.13 19.87 -6.17
H31 GOL F . 4.93 20.19 -6.27
H32 GOL F . 5.41 19.27 -5.15
HO3 GOL F . 4.13 21.50 -4.87
C TRS G . -9.05 25.18 -18.58
C1 TRS G . -9.94 23.94 -18.59
C2 TRS G . -7.70 24.86 -19.20
C3 TRS G . -8.89 25.62 -17.13
N TRS G . -9.72 26.21 -19.37
O1 TRS G . -11.20 24.29 -18.06
O2 TRS G . -6.66 25.20 -18.32
O3 TRS G . -10.15 25.92 -16.57
H11 TRS G . -9.48 23.17 -17.98
H12 TRS G . -10.05 23.58 -19.61
H21 TRS G . -7.65 23.79 -19.44
H22 TRS G . -7.58 25.41 -20.13
H31 TRS G . -8.25 26.51 -17.09
H32 TRS G . -8.41 24.83 -16.55
HN1 TRS G . -9.22 27.10 -19.39
HN2 TRS G . -10.04 25.90 -20.28
HN3 TRS G . -10.57 26.42 -18.86
HO1 TRS G . -11.77 23.49 -18.07
HO2 TRS G . -5.79 24.99 -18.73
HO3 TRS G . -10.04 26.20 -15.64
MN MN H . 5.45 -11.61 13.13
N1 UDP I . -0.40 -6.13 14.99
C2 UDP I . -1.47 -5.12 14.76
N3 UDP I . -1.87 -4.19 15.87
C4 UDP I . -1.22 -4.27 17.16
C5 UDP I . -0.14 -5.28 17.39
C6 UDP I . 0.25 -6.20 16.30
O2 UDP I . -2.01 -5.05 13.72
O4 UDP I . -1.56 -3.51 18.04
C1' UDP I . -0.07 -6.95 14.00
C2' UDP I . 1.37 -6.70 13.50
O2' UDP I . 1.40 -6.82 12.03
C3' UDP I . 2.10 -7.66 14.05
C4' UDP I . 1.08 -8.94 14.14
O4' UDP I . -0.06 -8.44 14.51
O3' UDP I . 3.22 -7.96 13.21
C5' UDP I . 1.56 -9.95 15.13
O5' UDP I . 1.62 -9.36 16.40
PA UDP I . 3.00 -9.56 17.29
O1A UDP I . 2.77 -9.13 18.71
O2A UDP I . 3.43 -11.01 17.24
O3A UDP I . 4.20 -8.63 16.63
PB UDP I . 5.43 -9.25 15.73
O1B UDP I . 6.03 -8.16 14.85
O2B UDP I . 6.50 -9.77 16.67
O3B UDP I . 4.90 -10.38 14.85
HN3 UDP I . -2.48 -3.61 15.73
H5 UDP I . 0.28 -5.34 18.22
H6 UDP I . 0.92 -6.83 16.45
H1' UDP I . -0.69 -6.86 13.27
H2' UDP I . 1.68 -5.82 13.78
HO2' UDP I . 0.70 -6.47 11.70
H3' UDP I . 2.39 -7.40 14.94
H4' UDP I . 0.99 -9.35 13.26
H5'1 UDP I . 2.44 -10.26 14.89
H5'2 UDP I . 0.95 -10.69 15.15
N NO3 J . 6.44 -12.47 16.01
O1 NO3 J . 5.64 -12.72 16.97
O2 NO3 J . 6.11 -12.78 14.82
O3 NO3 J . 7.55 -11.92 16.25
C TRS K . -2.03 -32.10 5.41
C1 TRS K . -2.46 -32.01 3.95
C2 TRS K . -3.10 -31.53 6.32
C3 TRS K . -0.73 -31.31 5.56
N TRS K . -1.84 -33.51 5.74
O1 TRS K . -1.54 -32.71 3.14
O2 TRS K . -2.50 -30.89 7.43
O3 TRS K . 0.21 -31.73 4.60
H11 TRS K . -2.50 -30.96 3.64
H12 TRS K . -3.45 -32.44 3.83
H21 TRS K . -3.71 -30.80 5.76
H22 TRS K . -3.76 -32.32 6.66
H31 TRS K . -0.32 -31.47 6.56
H32 TRS K . -0.93 -30.25 5.45
HN1 TRS K . -1.52 -33.67 6.69
HN2 TRS K . -2.61 -34.10 5.45
HN3 TRS K . -1.07 -33.80 5.16
HO1 TRS K . -1.83 -32.65 2.20
HO2 TRS K . -3.21 -30.52 8.01
HO3 TRS K . 1.04 -31.22 4.71
#